data_4ACG
#
_entry.id   4ACG
#
_cell.length_a   81.976
_cell.length_b   83.881
_cell.length_c   177.461
_cell.angle_alpha   90.00
_cell.angle_beta   90.00
_cell.angle_gamma   90.00
#
_symmetry.space_group_name_H-M   'P 21 21 21'
#
loop_
_entity.id
_entity.type
_entity.pdbx_description
1 polymer 'GLYCOGEN SYNTHASE KINASE-3 BETA'
2 non-polymer 2-AMINO-5-{4-[(4-METHYLPIPERAZIN-1-YL)SULFONYL]PHENYL}-N-[4-(PYRROLIDIN-1-YLMETHYL)PYRIDIN-3-YL]PYRIDINE-3-CARBOXAMIDE
3 water water
#
_entity_poly.entity_id   1
_entity_poly.type   'polypeptide(L)'
_entity_poly.pdbx_seq_one_letter_code
;MSYYHHHHHHDYDIPTTENLYFQGAMGSSHHHHHHSSGLVPRGSHMSGRPRTTSFAESCKPVQQPSAFGSMKVSRDKDGS
KVTTVVATPGQGPDRPQEVSYTDTKVIGNGSFGVVYQAKLCDSGELVAIKKVLQDKRFKNRELQIMRKLDHCNIVRLRYF
FYSSGEKKDEVYLNLVLDYVPETVYRVARHYSRAKQTLPVIYVKLYMYQLFRSLAYIHSFGICHRDIKPQNLLLDPDTAV
LKLCDFGSAKQLVRGEPNVSYICSRYYRAPELIFGATDYTSSIDVWSAGCVLAELLLGQPIFPGDSGVDQLVEIIKVLGT
PTREQIREMNPNYTEFKFPQIKAHPWTKVFRPRTPPEAIALCSRLLEYTPTARLTPLEACAHSFFDELRDPNVKLPNGRD
TPALFNFTTQELSSNPPLATILIPPHARIQAAASTPTNATAASDANTGDRGQTNNAASASASNST
;
_entity_poly.pdbx_strand_id   A,B
#
loop_
_chem_comp.id
_chem_comp.type
_chem_comp.name
_chem_comp.formula
6LQ non-polymer 2-AMINO-5-{4-[(4-METHYLPIPERAZIN-1-YL)SULFONYL]PHENYL}-N-[4-(PYRROLIDIN-1-YLMETHYL)PYRIDIN-3-YL]PYRIDINE-3-CARBOXAMIDE 'C27 H33 N7 O3 S'
#
# COMPACT_ATOMS: atom_id res chain seq x y z
N SER A 80 31.73 -5.33 27.59
CA SER A 80 31.23 -4.75 26.33
C SER A 80 31.42 -3.21 26.28
N LYS A 81 31.15 -2.60 25.08
CA LYS A 81 31.22 -1.14 24.82
C LYS A 81 30.11 -0.42 25.59
N VAL A 82 30.49 0.54 26.44
CA VAL A 82 29.54 1.32 27.26
C VAL A 82 29.43 2.75 26.71
N THR A 83 28.19 3.19 26.42
CA THR A 83 27.90 4.54 25.93
C THR A 83 27.27 5.35 27.04
N THR A 84 27.86 6.51 27.36
CA THR A 84 27.35 7.43 28.38
C THR A 84 26.87 8.72 27.73
N VAL A 85 25.67 9.17 28.12
CA VAL A 85 25.03 10.37 27.57
C VAL A 85 24.42 11.20 28.69
N VAL A 86 24.20 12.49 28.43
CA VAL A 86 23.52 13.33 29.39
C VAL A 86 22.13 13.57 28.77
N ALA A 87 21.20 12.72 29.20
CA ALA A 87 19.86 12.69 28.69
C ALA A 87 18.88 13.39 29.60
N THR A 88 17.94 14.11 28.98
CA THR A 88 16.85 14.80 29.66
C THR A 88 15.73 13.78 29.90
N PRO A 89 15.08 13.69 31.10
CA PRO A 89 13.96 12.76 31.28
C PRO A 89 12.77 13.20 30.42
N GLY A 90 12.01 12.24 29.91
CA GLY A 90 10.87 12.47 29.03
C GLY A 90 9.74 13.27 29.67
N GLN A 91 9.46 12.95 30.93
CA GLN A 91 8.44 13.63 31.71
C GLN A 91 9.05 14.30 32.94
N GLY A 92 8.31 15.26 33.47
CA GLY A 92 8.71 16.02 34.65
C GLY A 92 9.63 17.18 34.33
N PRO A 93 10.27 17.75 35.38
CA PRO A 93 11.16 18.90 35.15
C PRO A 93 12.39 18.56 34.32
N ASP A 94 12.85 19.55 33.54
CA ASP A 94 14.03 19.43 32.69
C ASP A 94 15.32 19.32 33.53
N ARG A 95 15.57 18.10 34.04
CA ARG A 95 16.70 17.80 34.89
C ARG A 95 17.57 16.71 34.29
N PRO A 96 18.48 17.03 33.34
CA PRO A 96 19.32 15.99 32.72
C PRO A 96 20.07 15.08 33.66
N GLN A 97 20.30 13.84 33.23
CA GLN A 97 20.98 12.80 33.99
C GLN A 97 21.96 12.05 33.13
N GLU A 98 23.03 11.51 33.75
CA GLU A 98 24.00 10.67 33.06
C GLU A 98 23.35 9.30 32.92
N VAL A 99 23.13 8.90 31.67
CA VAL A 99 22.51 7.62 31.33
C VAL A 99 23.57 6.80 30.61
N SER A 100 23.90 5.64 31.20
CA SER A 100 24.87 4.75 30.60
C SER A 100 24.18 3.49 30.11
N TYR A 101 24.49 3.07 28.87
CA TYR A 101 23.88 1.88 28.25
C TYR A 101 24.88 1.05 27.45
N THR A 102 24.60 -0.24 27.33
CA THR A 102 25.44 -1.19 26.59
C THR A 102 24.58 -2.16 25.75
N ASP A 103 25.24 -3.15 25.09
CA ASP A 103 24.65 -4.23 24.27
C ASP A 103 23.69 -3.70 23.20
N THR A 104 24.13 -2.67 22.48
CA THR A 104 23.37 -1.99 21.46
C THR A 104 23.26 -2.81 20.17
N LYS A 105 22.04 -3.25 19.84
CA LYS A 105 21.71 -4.03 18.63
C LYS A 105 20.58 -3.31 17.91
N VAL A 106 20.57 -3.32 16.56
CA VAL A 106 19.50 -2.75 15.75
C VAL A 106 18.29 -3.71 15.82
N ILE A 107 17.07 -3.19 16.06
CA ILE A 107 15.86 -4.00 16.13
C ILE A 107 14.79 -3.56 15.12
N GLY A 108 15.10 -2.49 14.38
CA GLY A 108 14.20 -1.92 13.38
C GLY A 108 14.88 -0.84 12.56
N ASN A 109 14.48 -0.76 11.29
CA ASN A 109 14.99 0.18 10.29
C ASN A 109 13.83 0.53 9.40
N GLY A 110 13.45 1.81 9.37
CA GLY A 110 12.32 2.25 8.56
C GLY A 110 12.53 3.63 7.99
N SER A 111 11.43 4.23 7.50
CA SER A 111 11.44 5.58 6.91
C SER A 111 12.06 6.68 7.83
N PHE A 112 11.64 6.66 9.12
CA PHE A 112 12.08 7.52 10.24
C PHE A 112 13.62 7.52 10.43
N GLY A 113 14.16 6.32 10.68
CA GLY A 113 15.56 6.03 10.96
C GLY A 113 15.71 4.63 11.54
N VAL A 114 16.40 4.49 12.67
CA VAL A 114 16.75 3.22 13.29
C VAL A 114 16.24 3.11 14.71
N VAL A 115 15.81 1.91 15.09
CA VAL A 115 15.39 1.57 16.44
C VAL A 115 16.41 0.54 16.93
N TYR A 116 17.00 0.81 18.10
CA TYR A 116 18.00 -0.03 18.72
C TYR A 116 17.43 -0.56 20.00
N GLN A 117 17.96 -1.67 20.45
CA GLN A 117 17.70 -2.25 21.75
C GLN A 117 19.03 -1.99 22.48
N ALA A 118 18.97 -1.70 23.78
CA ALA A 118 20.15 -1.45 24.59
C ALA A 118 19.82 -1.80 26.01
N LYS A 119 20.86 -2.11 26.81
CA LYS A 119 20.70 -2.44 28.21
C LYS A 119 21.25 -1.29 29.04
N LEU A 120 20.46 -0.82 29.99
CA LEU A 120 20.88 0.24 30.90
C LEU A 120 21.85 -0.42 31.89
N CYS A 121 23.07 0.14 32.03
CA CYS A 121 24.13 -0.38 32.93
C CYS A 121 23.68 -0.35 34.38
N ASP A 122 22.93 0.69 34.72
CA ASP A 122 22.39 0.94 36.02
C ASP A 122 21.48 -0.24 36.46
N SER A 123 20.24 -0.28 35.94
CA SER A 123 19.20 -1.24 36.27
C SER A 123 19.32 -2.63 35.60
N GLY A 124 19.91 -2.67 34.41
CA GLY A 124 19.98 -3.90 33.62
C GLY A 124 18.76 -3.99 32.73
N GLU A 125 17.78 -3.08 32.97
CA GLU A 125 16.50 -2.88 32.29
C GLU A 125 16.74 -2.64 30.80
N LEU A 126 15.90 -3.26 29.96
CA LEU A 126 16.03 -3.12 28.52
C LEU A 126 15.24 -1.92 28.04
N VAL A 127 15.82 -1.23 27.07
CA VAL A 127 15.20 -0.04 26.49
C VAL A 127 15.31 -0.12 24.96
N ALA A 128 14.55 0.71 24.27
CA ALA A 128 14.63 0.88 22.83
C ALA A 128 15.06 2.31 22.63
N ILE A 129 15.91 2.57 21.65
CA ILE A 129 16.38 3.93 21.35
C ILE A 129 16.02 4.23 19.91
N LYS A 130 15.14 5.20 19.68
CA LYS A 130 14.76 5.55 18.33
C LYS A 130 15.62 6.74 17.91
N LYS A 131 16.43 6.54 16.83
CA LYS A 131 17.34 7.53 16.26
C LYS A 131 16.78 8.11 14.97
N VAL A 132 16.47 9.41 15.01
CA VAL A 132 15.96 10.10 13.84
C VAL A 132 16.83 11.30 13.57
N LEU A 133 16.96 11.69 12.29
CA LEU A 133 17.74 12.83 11.86
C LEU A 133 16.91 14.08 12.12
N GLN A 134 17.46 15.01 12.90
CA GLN A 134 16.73 16.23 13.22
C GLN A 134 16.91 17.40 12.26
N ASP A 135 15.75 17.96 11.85
CA ASP A 135 15.54 19.05 10.89
C ASP A 135 16.24 20.38 11.23
N LYS A 136 16.44 20.66 12.54
CA LYS A 136 17.08 21.88 13.06
C LYS A 136 16.29 23.17 12.83
N ARG A 137 15.53 23.23 11.70
CA ARG A 137 14.64 24.30 11.29
C ARG A 137 13.49 24.39 12.31
N PHE A 138 13.03 23.23 12.82
CA PHE A 138 11.97 23.17 13.82
C PHE A 138 12.11 21.99 14.77
N LYS A 139 11.37 22.06 15.89
CA LYS A 139 11.30 21.05 16.95
C LYS A 139 10.69 19.78 16.36
N ASN A 140 11.02 18.63 16.96
CA ASN A 140 10.49 17.36 16.52
C ASN A 140 9.04 17.17 17.04
N ARG A 141 8.06 16.98 16.11
CA ARG A 141 6.67 16.78 16.49
C ARG A 141 6.45 15.51 17.32
N GLU A 142 7.14 14.38 16.96
CA GLU A 142 7.06 13.14 17.74
C GLU A 142 7.55 13.39 19.21
N LEU A 143 8.71 14.04 19.40
CA LEU A 143 9.25 14.36 20.73
C LEU A 143 8.25 15.18 21.57
N GLN A 144 7.68 16.26 20.99
CA GLN A 144 6.69 17.13 21.63
C GLN A 144 5.45 16.37 22.03
N ILE A 145 5.00 15.42 21.18
CA ILE A 145 3.86 14.59 21.52
C ILE A 145 4.23 13.63 22.65
N MET A 146 5.35 12.88 22.51
CA MET A 146 5.83 11.89 23.50
C MET A 146 5.96 12.47 24.91
N ARG A 147 6.58 13.67 25.03
CA ARG A 147 6.81 14.38 26.29
C ARG A 147 5.50 14.60 27.12
N LYS A 148 4.34 14.85 26.44
CA LYS A 148 3.03 15.09 27.04
C LYS A 148 2.30 13.81 27.51
N LEU A 149 2.76 12.59 27.14
CA LEU A 149 2.02 11.34 27.39
C LEU A 149 2.47 10.47 28.54
N ASP A 150 1.50 9.94 29.28
CA ASP A 150 1.76 9.01 30.37
C ASP A 150 0.56 8.11 30.55
N HIS A 151 0.65 6.92 29.91
CA HIS A 151 -0.39 5.90 29.92
C HIS A 151 0.25 4.53 29.91
N CYS A 152 -0.35 3.59 30.65
CA CYS A 152 0.12 2.20 30.80
C CYS A 152 0.11 1.41 29.49
N ASN A 153 -0.72 1.85 28.52
CA ASN A 153 -0.86 1.24 27.19
C ASN A 153 -0.16 2.03 26.07
N ILE A 154 0.81 2.87 26.45
CA ILE A 154 1.62 3.66 25.52
C ILE A 154 3.07 3.55 25.97
N VAL A 155 3.96 3.23 25.03
CA VAL A 155 5.42 3.12 25.24
C VAL A 155 5.87 4.46 25.79
N ARG A 156 6.56 4.44 26.93
CA ARG A 156 6.98 5.66 27.60
C ARG A 156 8.26 6.21 27.04
N LEU A 157 8.34 7.56 26.92
CA LEU A 157 9.57 8.24 26.55
C LEU A 157 10.29 8.42 27.88
N ARG A 158 11.33 7.61 28.11
CA ARG A 158 12.11 7.62 29.35
C ARG A 158 13.07 8.83 29.37
N TYR A 159 13.85 9.01 28.30
CA TYR A 159 14.80 10.08 28.11
C TYR A 159 14.86 10.43 26.64
N PHE A 160 15.55 11.52 26.34
CA PHE A 160 15.89 11.97 25.00
C PHE A 160 17.21 12.74 25.08
N PHE A 161 18.02 12.63 24.03
CA PHE A 161 19.33 13.28 23.93
C PHE A 161 19.66 13.50 22.45
N TYR A 162 20.63 14.36 22.18
CA TYR A 162 21.06 14.64 20.81
C TYR A 162 22.46 14.05 20.54
N SER A 163 22.78 13.73 19.26
CA SER A 163 24.07 13.12 18.87
C SER A 163 24.30 13.19 17.37
N SER A 164 25.21 12.35 16.84
CA SER A 164 25.48 12.23 15.39
C SER A 164 25.75 10.77 14.96
N GLY A 165 25.75 10.52 13.64
CA GLY A 165 25.95 9.21 13.05
C GLY A 165 26.30 9.20 11.58
N GLU A 166 25.71 10.15 10.80
CA GLU A 166 25.92 10.32 9.36
C GLU A 166 25.70 11.81 8.90
N LYS A 167 26.74 12.70 9.02
CA LYS A 167 28.07 12.44 9.57
C LYS A 167 28.61 13.67 10.34
N LYS A 168 28.53 14.83 9.69
CA LYS A 168 28.91 16.16 10.16
C LYS A 168 27.76 17.04 9.73
N ASP A 169 27.49 18.12 10.51
CA ASP A 169 26.37 19.07 10.32
C ASP A 169 25.03 18.42 10.67
N GLU A 170 24.95 17.07 10.54
CA GLU A 170 23.75 16.27 10.81
C GLU A 170 23.59 15.82 12.25
N VAL A 171 22.54 16.38 12.87
CA VAL A 171 22.14 16.15 14.27
C VAL A 171 21.06 15.05 14.33
N TYR A 172 21.24 14.11 15.28
CA TYR A 172 20.33 12.98 15.53
C TYR A 172 19.60 13.08 16.88
N LEU A 173 18.26 13.02 16.85
CA LEU A 173 17.44 13.00 18.06
C LEU A 173 17.30 11.55 18.45
N ASN A 174 17.56 11.21 19.73
CA ASN A 174 17.47 9.85 20.22
C ASN A 174 16.39 9.73 21.28
N LEU A 175 15.33 8.95 21.00
CA LEU A 175 14.27 8.77 21.98
C LEU A 175 14.50 7.45 22.70
N VAL A 176 14.80 7.50 24.03
CA VAL A 176 15.00 6.31 24.88
C VAL A 176 13.60 5.92 25.37
N LEU A 177 13.12 4.77 24.90
CA LEU A 177 11.77 4.30 25.17
C LEU A 177 11.77 3.01 25.91
N ASP A 178 10.59 2.67 26.47
CA ASP A 178 10.33 1.40 27.09
C ASP A 178 10.58 0.36 25.97
N TYR A 179 11.11 -0.81 26.34
CA TYR A 179 11.27 -1.92 25.39
C TYR A 179 10.14 -2.91 25.68
N VAL A 180 9.35 -3.24 24.64
CA VAL A 180 8.24 -4.20 24.75
C VAL A 180 8.63 -5.34 23.80
N PRO A 181 8.78 -6.59 24.33
CA PRO A 181 9.36 -7.69 23.53
C PRO A 181 8.73 -8.19 22.23
N GLU A 182 7.41 -8.15 22.08
CA GLU A 182 6.77 -8.65 20.87
C GLU A 182 5.92 -7.61 20.16
N THR A 183 5.48 -7.91 18.94
CA THR A 183 4.56 -7.08 18.17
C THR A 183 3.31 -7.89 17.86
N VAL A 184 2.14 -7.21 17.71
CA VAL A 184 0.89 -7.89 17.35
C VAL A 184 1.06 -8.56 15.98
N TYR A 185 1.87 -7.92 15.10
CA TYR A 185 2.21 -8.38 13.75
C TYR A 185 2.86 -9.77 13.77
N ARG A 186 3.93 -9.95 14.56
CA ARG A 186 4.64 -11.23 14.69
C ARG A 186 3.77 -12.31 15.32
N VAL A 187 3.04 -11.98 16.39
CA VAL A 187 2.14 -12.90 17.08
C VAL A 187 1.01 -13.34 16.14
N ALA A 188 0.34 -12.39 15.45
CA ALA A 188 -0.72 -12.72 14.47
C ALA A 188 -0.14 -13.69 13.41
N ARG A 189 1.12 -13.46 12.97
CA ARG A 189 1.85 -14.26 11.99
C ARG A 189 2.12 -15.71 12.46
N HIS A 190 2.46 -15.90 13.75
CA HIS A 190 2.70 -17.23 14.34
C HIS A 190 1.46 -18.08 14.23
N TYR A 191 0.33 -17.54 14.69
CA TYR A 191 -0.95 -18.22 14.69
C TYR A 191 -1.39 -18.52 13.28
N SER A 192 -1.25 -17.56 12.36
CA SER A 192 -1.59 -17.69 10.95
C SER A 192 -0.84 -18.88 10.31
N ARG A 193 0.51 -18.92 10.51
CA ARG A 193 1.40 -19.96 10.02
C ARG A 193 1.00 -21.34 10.54
N ALA A 194 0.60 -21.42 11.83
CA ALA A 194 0.20 -22.67 12.49
C ALA A 194 -1.28 -23.01 12.22
N LYS A 195 -1.93 -22.29 11.29
CA LYS A 195 -3.35 -22.41 10.92
C LYS A 195 -4.31 -22.32 12.14
N GLN A 196 -3.86 -21.59 13.18
CA GLN A 196 -4.56 -21.32 14.43
C GLN A 196 -4.93 -19.83 14.51
N THR A 197 -5.82 -19.49 15.43
CA THR A 197 -6.21 -18.12 15.68
C THR A 197 -5.82 -17.80 17.09
N LEU A 198 -5.49 -16.53 17.33
CA LEU A 198 -5.15 -16.04 18.66
C LEU A 198 -6.37 -16.26 19.57
N PRO A 199 -6.21 -16.97 20.73
CA PRO A 199 -7.35 -17.15 21.65
C PRO A 199 -8.12 -15.86 21.92
N VAL A 200 -9.47 -15.93 21.93
CA VAL A 200 -10.36 -14.77 22.15
C VAL A 200 -10.04 -13.94 23.41
N ILE A 201 -9.49 -14.56 24.47
CA ILE A 201 -9.13 -13.82 25.68
C ILE A 201 -8.06 -12.75 25.38
N TYR A 202 -7.08 -13.10 24.50
CA TYR A 202 -6.05 -12.20 24.06
C TYR A 202 -6.59 -11.13 23.11
N VAL A 203 -7.59 -11.48 22.29
CA VAL A 203 -8.20 -10.53 21.39
C VAL A 203 -8.88 -9.42 22.23
N LYS A 204 -9.56 -9.78 23.33
CA LYS A 204 -10.23 -8.86 24.26
C LYS A 204 -9.17 -8.04 25.01
N LEU A 205 -8.12 -8.71 25.56
CA LEU A 205 -7.07 -8.01 26.29
C LEU A 205 -6.33 -6.99 25.44
N TYR A 206 -5.89 -7.39 24.24
CA TYR A 206 -5.12 -6.53 23.35
C TYR A 206 -5.97 -5.42 22.77
N MET A 207 -7.19 -5.73 22.30
CA MET A 207 -8.08 -4.72 21.74
C MET A 207 -8.59 -3.69 22.74
N TYR A 208 -8.95 -4.11 23.97
CA TYR A 208 -9.37 -3.21 25.03
C TYR A 208 -8.26 -2.21 25.33
N GLN A 209 -7.04 -2.71 25.54
CA GLN A 209 -5.86 -1.91 25.83
C GLN A 209 -5.52 -0.91 24.73
N LEU A 210 -5.77 -1.29 23.46
CA LEU A 210 -5.57 -0.40 22.33
C LEU A 210 -6.59 0.75 22.40
N PHE A 211 -7.87 0.41 22.64
CA PHE A 211 -8.91 1.41 22.80
C PHE A 211 -8.64 2.34 23.96
N ARG A 212 -8.08 1.84 25.10
CA ARG A 212 -7.72 2.71 26.24
C ARG A 212 -6.66 3.71 25.83
N SER A 213 -5.61 3.26 25.10
CA SER A 213 -4.53 4.13 24.61
C SER A 213 -5.10 5.18 23.65
N LEU A 214 -6.08 4.77 22.81
CA LEU A 214 -6.73 5.68 21.86
C LEU A 214 -7.60 6.71 22.56
N ALA A 215 -8.40 6.31 23.58
CA ALA A 215 -9.22 7.21 24.43
C ALA A 215 -8.30 8.29 25.03
N TYR A 216 -7.13 7.88 25.53
CA TYR A 216 -6.11 8.75 26.12
C TYR A 216 -5.58 9.79 25.12
N ILE A 217 -4.91 9.37 24.03
CA ILE A 217 -4.37 10.32 23.05
C ILE A 217 -5.46 11.21 22.44
N HIS A 218 -6.63 10.65 22.14
CA HIS A 218 -7.76 11.41 21.57
C HIS A 218 -8.28 12.49 22.48
N SER A 219 -8.19 12.28 23.84
CA SER A 219 -8.61 13.25 24.87
C SER A 219 -7.76 14.54 24.83
N PHE A 220 -6.55 14.50 24.21
CA PHE A 220 -5.69 15.66 24.01
C PHE A 220 -5.84 16.19 22.57
N GLY A 221 -6.74 15.59 21.80
CA GLY A 221 -6.96 15.95 20.40
C GLY A 221 -5.95 15.31 19.45
N ILE A 222 -5.06 14.43 19.98
CA ILE A 222 -4.01 13.74 19.22
C ILE A 222 -4.52 12.46 18.55
N CYS A 223 -4.30 12.38 17.23
CA CYS A 223 -4.60 11.24 16.37
C CYS A 223 -3.29 10.51 16.05
N HIS A 224 -3.24 9.19 16.31
CA HIS A 224 -2.05 8.39 16.01
C HIS A 224 -1.76 8.40 14.48
N ARG A 225 -2.80 8.16 13.63
CA ARG A 225 -2.74 8.20 12.15
C ARG A 225 -1.98 7.03 11.48
N ASP A 226 -1.43 6.08 12.27
CA ASP A 226 -0.74 4.92 11.72
C ASP A 226 -0.98 3.64 12.57
N ILE A 227 -2.25 3.39 12.93
CA ILE A 227 -2.63 2.20 13.71
C ILE A 227 -2.58 0.97 12.80
N LYS A 228 -1.78 -0.01 13.21
CA LYS A 228 -1.53 -1.23 12.44
C LYS A 228 -0.81 -2.21 13.36
N PRO A 229 -0.85 -3.54 13.04
CA PRO A 229 -0.20 -4.52 13.93
C PRO A 229 1.27 -4.29 14.23
N GLN A 230 2.03 -3.75 13.30
CA GLN A 230 3.47 -3.51 13.51
C GLN A 230 3.76 -2.43 14.56
N ASN A 231 2.77 -1.57 14.89
CA ASN A 231 2.87 -0.48 15.85
C ASN A 231 2.25 -0.80 17.21
N LEU A 232 1.79 -2.05 17.39
CA LEU A 232 1.18 -2.53 18.61
C LEU A 232 2.13 -3.57 19.22
N LEU A 233 2.81 -3.16 20.30
CA LEU A 233 3.79 -3.95 21.05
C LEU A 233 3.12 -4.75 22.18
N LEU A 234 3.63 -5.95 22.48
CA LEU A 234 3.06 -6.80 23.53
C LEU A 234 4.10 -7.39 24.42
N ASP A 235 3.72 -7.59 25.69
CA ASP A 235 4.49 -8.38 26.63
C ASP A 235 3.68 -9.66 26.75
N PRO A 236 4.18 -10.78 26.18
CA PRO A 236 3.40 -12.03 26.24
C PRO A 236 3.15 -12.60 27.64
N ASP A 237 4.06 -12.34 28.58
CA ASP A 237 3.94 -12.83 29.95
C ASP A 237 2.93 -12.04 30.75
N THR A 238 2.93 -10.70 30.62
CA THR A 238 2.03 -9.82 31.36
C THR A 238 0.73 -9.48 30.67
N ALA A 239 0.59 -9.82 29.36
CA ALA A 239 -0.58 -9.56 28.49
C ALA A 239 -0.81 -8.07 28.29
N VAL A 240 0.23 -7.27 28.53
CA VAL A 240 0.23 -5.83 28.37
C VAL A 240 0.49 -5.49 26.90
N LEU A 241 -0.34 -4.62 26.35
CA LEU A 241 -0.17 -4.06 25.02
C LEU A 241 0.25 -2.61 25.22
N LYS A 242 1.20 -2.14 24.42
CA LYS A 242 1.66 -0.77 24.44
C LYS A 242 1.73 -0.23 23.02
N LEU A 243 1.02 0.88 22.76
CA LEU A 243 1.03 1.55 21.48
C LEU A 243 2.40 2.21 21.29
N CYS A 244 2.93 2.17 20.06
CA CYS A 244 4.19 2.82 19.73
C CYS A 244 4.09 3.55 18.41
N ASP A 245 5.19 4.21 18.00
CA ASP A 245 5.32 5.01 16.79
C ASP A 245 4.48 6.27 16.82
N PHE A 246 5.07 7.37 17.28
CA PHE A 246 4.37 8.64 17.28
C PHE A 246 4.88 9.56 16.17
N GLY A 247 5.42 8.95 15.10
CA GLY A 247 5.98 9.61 13.92
C GLY A 247 4.95 10.27 13.01
N SER A 248 3.74 9.69 12.95
CA SER A 248 2.64 10.20 12.14
C SER A 248 1.62 10.94 12.99
N ALA A 249 1.75 10.88 14.33
CA ALA A 249 0.83 11.51 15.27
C ALA A 249 0.72 13.01 15.09
N LYS A 250 -0.50 13.53 15.15
CA LYS A 250 -0.74 14.97 15.01
C LYS A 250 -1.99 15.37 15.76
N GLN A 251 -1.95 16.61 16.33
CA GLN A 251 -3.12 17.15 17.01
C GLN A 251 -4.06 17.70 15.94
N LEU A 252 -5.20 17.06 15.79
CA LEU A 252 -6.17 17.47 14.78
C LEU A 252 -7.06 18.61 15.32
N VAL A 253 -6.95 19.79 14.69
CA VAL A 253 -7.73 20.97 15.03
C VAL A 253 -8.81 21.14 13.97
N ARG A 254 -10.10 21.22 14.39
CA ARG A 254 -11.26 21.39 13.48
C ARG A 254 -11.08 22.63 12.60
N GLY A 255 -11.36 22.49 11.31
CA GLY A 255 -11.19 23.56 10.33
C GLY A 255 -9.81 23.59 9.68
N GLU A 256 -8.77 23.05 10.36
CA GLU A 256 -7.42 22.97 9.80
C GLU A 256 -7.28 21.73 8.85
N PRO A 257 -6.68 21.87 7.65
CA PRO A 257 -6.55 20.69 6.77
C PRO A 257 -5.34 19.83 7.15
N ASN A 258 -5.46 18.50 6.93
CA ASN A 258 -4.39 17.54 7.25
C ASN A 258 -4.13 16.65 6.04
N VAL A 259 -2.87 16.18 5.89
CA VAL A 259 -2.49 15.29 4.78
C VAL A 259 -3.31 14.00 4.78
N SER A 260 -3.83 13.58 3.62
CA SER A 260 -4.61 12.34 3.56
C SER A 260 -3.70 11.10 3.35
N TYR A 261 -2.43 11.30 2.97
CA TYR A 261 -1.50 10.21 2.68
C TYR A 261 -0.82 9.58 3.89
N ILE A 262 -1.45 9.68 5.05
CA ILE A 262 -0.94 9.00 6.25
C ILE A 262 -1.71 7.67 6.28
N CYS A 263 -1.29 6.75 7.16
CA CYS A 263 -1.93 5.45 7.35
C CYS A 263 -1.50 4.42 6.33
N SER A 264 -1.24 3.19 6.81
CA SER A 264 -0.70 2.10 6.05
C SER A 264 -1.73 1.20 5.42
N ARG A 265 -1.41 0.67 4.19
CA ARG A 265 -2.30 -0.20 3.43
C ARG A 265 -2.87 -1.31 4.26
N TYR A 266 -4.18 -1.52 4.11
CA TYR A 266 -5.09 -2.47 4.80
C TYR A 266 -5.83 -1.76 5.93
N TYR A 267 -5.18 -0.76 6.58
CA TYR A 267 -5.67 -0.07 7.77
C TYR A 267 -6.24 1.31 7.59
N ARG A 268 -6.29 1.78 6.33
CA ARG A 268 -6.76 3.12 5.99
C ARG A 268 -8.25 3.20 5.90
N ALA A 269 -8.83 4.21 6.57
CA ALA A 269 -10.28 4.49 6.59
C ALA A 269 -10.74 4.93 5.20
N PRO A 270 -12.00 4.66 4.79
CA PRO A 270 -12.43 5.10 3.44
C PRO A 270 -12.24 6.58 3.11
N GLU A 271 -12.42 7.51 4.08
CA GLU A 271 -12.21 8.96 3.90
C GLU A 271 -10.80 9.19 3.43
N LEU A 272 -9.80 8.45 3.99
CA LEU A 272 -8.38 8.61 3.61
C LEU A 272 -8.15 8.13 2.18
N ILE A 273 -8.69 6.93 1.82
CA ILE A 273 -8.60 6.33 0.49
C ILE A 273 -9.17 7.35 -0.51
N PHE A 274 -10.25 8.05 -0.13
CA PHE A 274 -10.89 9.07 -0.97
C PHE A 274 -10.16 10.42 -0.95
N GLY A 275 -9.01 10.52 -0.28
CA GLY A 275 -8.21 11.74 -0.25
C GLY A 275 -8.72 12.93 0.56
N ALA A 276 -9.60 12.68 1.57
CA ALA A 276 -10.15 13.68 2.50
C ALA A 276 -9.05 14.30 3.33
N THR A 277 -9.07 15.62 3.47
CA THR A 277 -8.07 16.37 4.26
C THR A 277 -8.73 16.89 5.55
N ASP A 278 -10.07 16.69 5.66
CA ASP A 278 -10.94 17.11 6.77
C ASP A 278 -11.28 15.98 7.80
N TYR A 279 -10.52 14.87 7.77
CA TYR A 279 -10.74 13.72 8.64
C TYR A 279 -10.54 14.04 10.13
N THR A 280 -11.19 13.24 10.99
CA THR A 280 -11.14 13.36 12.45
C THR A 280 -10.36 12.19 13.01
N SER A 281 -10.25 12.14 14.35
CA SER A 281 -9.59 11.07 15.11
C SER A 281 -10.25 9.69 14.91
N SER A 282 -11.47 9.60 14.32
CA SER A 282 -12.15 8.33 14.08
C SER A 282 -11.44 7.47 13.00
N ILE A 283 -10.35 8.01 12.37
CA ILE A 283 -9.56 7.24 11.42
C ILE A 283 -8.86 6.13 12.19
N ASP A 284 -8.42 6.41 13.46
CA ASP A 284 -7.76 5.47 14.36
C ASP A 284 -8.71 4.35 14.77
N VAL A 285 -9.99 4.67 14.90
CA VAL A 285 -11.03 3.71 15.25
C VAL A 285 -11.23 2.71 14.10
N TRP A 286 -11.27 3.19 12.85
CA TRP A 286 -11.38 2.34 11.65
C TRP A 286 -10.17 1.37 11.66
N SER A 287 -8.95 1.91 11.81
CA SER A 287 -7.72 1.13 11.86
C SER A 287 -7.77 0.05 12.94
N ALA A 288 -8.14 0.44 14.18
CA ALA A 288 -8.33 -0.50 15.32
C ALA A 288 -9.35 -1.60 14.93
N GLY A 289 -10.47 -1.22 14.31
CA GLY A 289 -11.49 -2.16 13.84
C GLY A 289 -10.95 -3.16 12.84
N CYS A 290 -10.01 -2.72 11.94
CA CYS A 290 -9.32 -3.56 10.92
C CYS A 290 -8.41 -4.56 11.64
N VAL A 291 -7.79 -4.12 12.76
CA VAL A 291 -6.86 -4.92 13.56
C VAL A 291 -7.64 -6.03 14.30
N LEU A 292 -8.82 -5.69 14.85
CA LEU A 292 -9.71 -6.63 15.53
C LEU A 292 -10.16 -7.71 14.58
N ALA A 293 -10.71 -7.33 13.39
CA ALA A 293 -11.17 -8.24 12.34
C ALA A 293 -10.04 -9.16 11.87
N GLU A 294 -8.80 -8.64 11.74
CA GLU A 294 -7.62 -9.42 11.34
C GLU A 294 -7.24 -10.48 12.38
N LEU A 295 -7.34 -10.16 13.68
CA LEU A 295 -7.03 -11.11 14.74
C LEU A 295 -8.12 -12.22 14.80
N LEU A 296 -9.36 -11.88 14.43
CA LEU A 296 -10.47 -12.81 14.39
C LEU A 296 -10.38 -13.70 13.14
N LEU A 297 -10.04 -13.12 11.97
CA LEU A 297 -9.95 -13.84 10.70
C LEU A 297 -8.72 -14.65 10.51
N GLY A 298 -7.59 -14.12 10.91
CA GLY A 298 -6.29 -14.73 10.70
C GLY A 298 -5.61 -14.17 9.48
N GLN A 299 -6.20 -13.11 8.89
CA GLN A 299 -5.70 -12.40 7.72
C GLN A 299 -6.33 -10.98 7.65
N PRO A 300 -5.77 -10.00 6.91
CA PRO A 300 -6.42 -8.68 6.86
C PRO A 300 -7.83 -8.77 6.30
N ILE A 301 -8.75 -7.94 6.83
CA ILE A 301 -10.13 -7.92 6.37
C ILE A 301 -10.26 -7.21 5.00
N PHE A 302 -9.47 -6.15 4.74
CA PHE A 302 -9.56 -5.36 3.51
C PHE A 302 -8.21 -5.28 2.82
N PRO A 303 -7.74 -6.40 2.23
CA PRO A 303 -6.44 -6.35 1.52
C PRO A 303 -6.53 -5.70 0.15
N GLY A 304 -5.37 -5.43 -0.44
CA GLY A 304 -5.24 -4.78 -1.74
C GLY A 304 -3.99 -3.95 -1.75
N ASP A 305 -3.32 -3.88 -2.91
CA ASP A 305 -2.12 -3.04 -3.03
C ASP A 305 -2.44 -1.67 -3.60
N SER A 306 -3.74 -1.43 -3.92
CA SER A 306 -4.26 -0.16 -4.42
C SER A 306 -5.50 0.23 -3.65
N GLY A 307 -5.80 1.53 -3.62
CA GLY A 307 -6.99 2.06 -2.97
C GLY A 307 -8.26 1.47 -3.55
N VAL A 308 -8.25 1.25 -4.86
CA VAL A 308 -9.37 0.69 -5.57
C VAL A 308 -9.72 -0.74 -5.14
N ASP A 309 -8.67 -1.58 -4.96
CA ASP A 309 -8.79 -2.98 -4.54
C ASP A 309 -9.29 -3.04 -3.10
N GLN A 310 -8.74 -2.16 -2.22
CA GLN A 310 -9.10 -2.03 -0.81
C GLN A 310 -10.58 -1.66 -0.67
N LEU A 311 -11.03 -0.64 -1.45
CA LEU A 311 -12.41 -0.16 -1.50
C LEU A 311 -13.38 -1.28 -1.94
N VAL A 312 -12.97 -2.09 -2.93
CA VAL A 312 -13.79 -3.22 -3.43
C VAL A 312 -14.01 -4.21 -2.29
N GLU A 313 -12.96 -4.51 -1.53
CA GLU A 313 -13.05 -5.42 -0.39
C GLU A 313 -13.95 -4.85 0.73
N ILE A 314 -13.91 -3.50 0.96
CA ILE A 314 -14.74 -2.81 1.95
C ILE A 314 -16.22 -2.90 1.54
N ILE A 315 -16.50 -2.59 0.27
CA ILE A 315 -17.84 -2.63 -0.34
C ILE A 315 -18.42 -4.05 -0.28
N LYS A 316 -17.59 -5.09 -0.51
CA LYS A 316 -18.00 -6.51 -0.44
C LYS A 316 -18.57 -6.90 0.93
N VAL A 317 -18.14 -6.21 2.00
CA VAL A 317 -18.57 -6.46 3.38
C VAL A 317 -19.65 -5.44 3.78
N LEU A 318 -19.33 -4.14 3.70
CA LEU A 318 -20.22 -3.06 4.13
C LEU A 318 -21.38 -2.75 3.17
N GLY A 319 -21.29 -3.24 1.94
CA GLY A 319 -22.26 -2.91 0.90
C GLY A 319 -21.85 -1.58 0.29
N THR A 320 -22.51 -1.16 -0.79
CA THR A 320 -22.19 0.08 -1.49
C THR A 320 -22.49 1.31 -0.61
N PRO A 321 -21.56 2.29 -0.48
CA PRO A 321 -21.87 3.48 0.34
C PRO A 321 -22.92 4.37 -0.33
N THR A 322 -23.84 4.95 0.46
CA THR A 322 -24.89 5.84 -0.06
C THR A 322 -24.26 7.18 -0.46
N ARG A 323 -24.98 8.02 -1.24
CA ARG A 323 -24.45 9.34 -1.64
C ARG A 323 -24.26 10.24 -0.42
N GLU A 324 -25.05 9.98 0.66
CA GLU A 324 -24.91 10.65 1.94
C GLU A 324 -23.58 10.16 2.57
N GLN A 325 -23.39 8.83 2.67
CA GLN A 325 -22.16 8.23 3.21
C GLN A 325 -20.91 8.69 2.46
N ILE A 326 -21.00 8.85 1.11
CA ILE A 326 -19.88 9.33 0.25
C ILE A 326 -19.57 10.78 0.61
N ARG A 327 -20.61 11.59 0.85
CA ARG A 327 -20.49 12.99 1.24
C ARG A 327 -19.77 13.15 2.59
N GLU A 328 -20.10 12.28 3.58
CA GLU A 328 -19.51 12.24 4.94
C GLU A 328 -17.98 12.00 4.88
N MET A 329 -17.54 11.16 3.90
CA MET A 329 -16.14 10.79 3.66
C MET A 329 -15.47 11.86 2.77
N ASN A 330 -15.80 11.91 1.47
CA ASN A 330 -15.31 12.94 0.55
C ASN A 330 -16.33 13.39 -0.52
N PRO A 331 -16.86 14.64 -0.41
CA PRO A 331 -17.87 15.11 -1.38
C PRO A 331 -17.40 15.56 -2.79
N ASN A 332 -16.24 15.02 -3.23
CA ASN A 332 -15.67 15.25 -4.57
C ASN A 332 -15.74 13.93 -5.36
N TYR A 333 -16.21 12.88 -4.67
CA TYR A 333 -16.37 11.51 -5.17
C TYR A 333 -17.85 11.07 -5.18
N THR A 334 -18.80 12.01 -4.93
CA THR A 334 -20.25 11.75 -4.91
C THR A 334 -20.81 11.55 -6.35
N GLU A 335 -20.03 12.01 -7.36
CA GLU A 335 -20.33 11.99 -8.79
C GLU A 335 -19.95 10.66 -9.48
N PHE A 336 -18.83 10.01 -9.06
CA PHE A 336 -18.37 8.73 -9.60
C PHE A 336 -19.20 7.60 -8.99
N LYS A 337 -19.93 6.82 -9.81
CA LYS A 337 -20.74 5.70 -9.31
C LYS A 337 -20.00 4.38 -9.15
N PHE A 338 -20.39 3.61 -8.12
CA PHE A 338 -19.76 2.41 -7.58
C PHE A 338 -20.48 1.07 -7.88
N PRO A 339 -19.77 -0.11 -7.76
CA PRO A 339 -20.46 -1.40 -8.02
C PRO A 339 -21.52 -1.72 -6.97
N GLN A 340 -22.81 -1.71 -7.40
CA GLN A 340 -23.97 -1.96 -6.52
C GLN A 340 -24.04 -3.37 -5.92
N ILE A 341 -23.27 -3.58 -4.83
CA ILE A 341 -23.19 -4.83 -4.09
C ILE A 341 -24.04 -4.71 -2.79
N LYS A 342 -24.89 -5.74 -2.52
CA LYS A 342 -25.77 -5.81 -1.36
C LYS A 342 -25.01 -5.77 -0.03
N ALA A 343 -25.67 -5.26 1.03
CA ALA A 343 -25.09 -5.17 2.37
C ALA A 343 -24.97 -6.58 2.99
N HIS A 344 -23.78 -7.18 2.84
CA HIS A 344 -23.40 -8.51 3.31
C HIS A 344 -23.62 -8.69 4.84
N PRO A 345 -24.16 -9.86 5.30
CA PRO A 345 -24.32 -10.04 6.75
C PRO A 345 -22.97 -10.38 7.39
N TRP A 346 -22.55 -9.49 8.31
CA TRP A 346 -21.29 -9.57 9.06
C TRP A 346 -21.01 -10.96 9.69
N THR A 347 -22.08 -11.78 9.91
CA THR A 347 -22.02 -13.14 10.46
C THR A 347 -21.33 -14.13 9.51
N LYS A 348 -21.52 -13.97 8.18
CA LYS A 348 -20.91 -14.78 7.11
C LYS A 348 -19.39 -14.45 6.90
N VAL A 349 -18.93 -13.24 7.34
CA VAL A 349 -17.54 -12.75 7.24
C VAL A 349 -16.57 -13.62 8.07
N PHE A 350 -16.94 -13.88 9.32
CA PHE A 350 -16.11 -14.62 10.27
C PHE A 350 -16.46 -16.11 10.40
N ARG A 351 -15.53 -16.92 10.97
CA ARG A 351 -15.74 -18.36 11.22
C ARG A 351 -17.00 -18.59 12.13
N PRO A 352 -17.67 -19.77 12.06
CA PRO A 352 -18.90 -19.95 12.86
C PRO A 352 -18.77 -19.80 14.37
N ARG A 353 -17.62 -20.20 14.91
CA ARG A 353 -17.28 -20.15 16.33
C ARG A 353 -17.21 -18.71 16.92
N THR A 354 -16.83 -17.71 16.07
CA THR A 354 -16.67 -16.28 16.40
C THR A 354 -17.78 -15.72 17.28
N PRO A 355 -17.42 -15.17 18.47
CA PRO A 355 -18.45 -14.62 19.37
C PRO A 355 -19.26 -13.50 18.71
N PRO A 356 -20.58 -13.53 18.90
CA PRO A 356 -21.45 -12.48 18.30
C PRO A 356 -21.13 -11.02 18.70
N GLU A 357 -20.66 -10.79 19.94
CA GLU A 357 -20.27 -9.46 20.43
C GLU A 357 -19.02 -8.94 19.69
N ALA A 358 -18.09 -9.84 19.29
CA ALA A 358 -16.90 -9.51 18.51
C ALA A 358 -17.33 -8.99 17.13
N ILE A 359 -18.31 -9.70 16.50
CA ILE A 359 -18.89 -9.34 15.19
C ILE A 359 -19.60 -8.00 15.28
N ALA A 360 -20.38 -7.79 16.35
CA ALA A 360 -21.13 -6.57 16.61
C ALA A 360 -20.17 -5.39 16.80
N LEU A 361 -19.03 -5.62 17.52
CA LEU A 361 -17.97 -4.63 17.72
C LEU A 361 -17.39 -4.21 16.35
N CYS A 362 -16.94 -5.15 15.46
CA CYS A 362 -16.39 -4.78 14.11
C CYS A 362 -17.38 -3.93 13.33
N SER A 363 -18.64 -4.38 13.34
CA SER A 363 -19.80 -3.75 12.71
C SER A 363 -19.92 -2.26 13.03
N ARG A 364 -19.76 -1.93 14.34
CA ARG A 364 -19.84 -0.59 14.93
C ARG A 364 -18.56 0.27 14.80
N LEU A 365 -17.39 -0.37 14.58
CA LEU A 365 -16.11 0.33 14.37
C LEU A 365 -15.92 0.57 12.88
N LEU A 366 -16.16 -0.44 12.05
CA LEU A 366 -16.00 -0.35 10.60
C LEU A 366 -17.29 0.17 9.92
N GLU A 367 -17.53 1.48 10.07
CA GLU A 367 -18.68 2.24 9.55
C GLU A 367 -18.19 3.28 8.53
N TYR A 368 -18.93 3.47 7.43
CA TYR A 368 -18.57 4.45 6.40
C TYR A 368 -18.55 5.86 6.98
N THR A 369 -19.66 6.26 7.66
CA THR A 369 -19.83 7.59 8.27
C THR A 369 -18.90 7.72 9.46
N PRO A 370 -17.84 8.55 9.37
CA PRO A 370 -16.90 8.68 10.50
C PRO A 370 -17.56 8.92 11.87
N THR A 371 -18.66 9.72 11.90
CA THR A 371 -19.40 10.01 13.15
C THR A 371 -20.21 8.82 13.68
N ALA A 372 -20.52 7.84 12.82
CA ALA A 372 -21.28 6.64 13.20
C ALA A 372 -20.41 5.61 13.95
N ARG A 373 -19.08 5.77 13.88
CA ARG A 373 -18.16 4.84 14.54
C ARG A 373 -18.15 5.05 16.03
N LEU A 374 -17.96 3.96 16.79
CA LEU A 374 -17.82 4.04 18.24
C LEU A 374 -16.59 4.88 18.54
N THR A 375 -16.55 5.46 19.71
CA THR A 375 -15.38 6.22 20.14
C THR A 375 -14.51 5.20 20.85
N PRO A 376 -13.19 5.44 21.08
CA PRO A 376 -12.40 4.44 21.82
C PRO A 376 -12.99 4.12 23.20
N LEU A 377 -13.47 5.15 23.94
CA LEU A 377 -14.05 4.95 25.29
C LEU A 377 -15.33 4.14 25.25
N GLU A 378 -16.16 4.34 24.22
CA GLU A 378 -17.39 3.57 24.02
C GLU A 378 -17.04 2.14 23.68
N ALA A 379 -15.96 1.95 22.88
CA ALA A 379 -15.49 0.63 22.44
C ALA A 379 -15.05 -0.17 23.67
N CYS A 380 -14.26 0.45 24.57
CA CYS A 380 -13.83 -0.12 25.85
C CYS A 380 -15.03 -0.66 26.65
N ALA A 381 -16.18 0.06 26.60
CA ALA A 381 -17.44 -0.26 27.31
C ALA A 381 -18.36 -1.28 26.60
N HIS A 382 -17.96 -1.75 25.40
CA HIS A 382 -18.72 -2.70 24.58
C HIS A 382 -18.78 -4.08 25.24
N SER A 383 -19.88 -4.82 24.98
CA SER A 383 -20.18 -6.16 25.50
C SER A 383 -19.03 -7.15 25.34
N PHE A 384 -18.28 -7.02 24.23
CA PHE A 384 -17.17 -7.91 23.91
C PHE A 384 -16.17 -7.96 25.05
N PHE A 385 -15.92 -6.83 25.69
CA PHE A 385 -14.96 -6.75 26.77
C PHE A 385 -15.46 -7.09 28.18
N ASP A 386 -16.73 -7.54 28.31
CA ASP A 386 -17.35 -7.89 29.61
C ASP A 386 -16.59 -8.90 30.43
N GLU A 387 -16.03 -9.95 29.78
CA GLU A 387 -15.22 -10.96 30.45
C GLU A 387 -14.02 -10.33 31.17
N LEU A 388 -13.51 -9.19 30.66
CA LEU A 388 -12.39 -8.49 31.28
C LEU A 388 -12.81 -7.85 32.58
N ARG A 389 -14.10 -7.49 32.67
CA ARG A 389 -14.70 -6.86 33.85
C ARG A 389 -15.17 -7.89 34.89
N ASP A 390 -15.06 -9.21 34.56
CA ASP A 390 -15.43 -10.29 35.47
C ASP A 390 -14.36 -10.35 36.56
N PRO A 391 -14.76 -10.44 37.86
CA PRO A 391 -13.74 -10.43 38.94
C PRO A 391 -12.86 -11.67 38.98
N ASN A 392 -13.35 -12.79 38.39
CA ASN A 392 -12.68 -14.09 38.33
C ASN A 392 -11.77 -14.31 37.11
N VAL A 393 -11.73 -13.35 36.15
CA VAL A 393 -10.90 -13.43 34.95
C VAL A 393 -9.42 -13.61 35.31
N LYS A 394 -8.79 -14.58 34.62
CA LYS A 394 -7.37 -14.90 34.76
C LYS A 394 -6.76 -15.18 33.39
N LEU A 395 -5.46 -14.99 33.28
CA LEU A 395 -4.68 -15.25 32.09
C LEU A 395 -4.48 -16.78 32.01
N PRO A 396 -4.25 -17.34 30.79
CA PRO A 396 -4.02 -18.79 30.65
C PRO A 396 -2.84 -19.35 31.46
N ASN A 397 -1.81 -18.53 31.73
CA ASN A 397 -0.62 -18.94 32.51
C ASN A 397 -0.85 -18.97 34.01
N GLY A 398 -2.02 -18.50 34.42
CA GLY A 398 -2.39 -18.42 35.83
C GLY A 398 -2.39 -17.00 36.37
N ARG A 399 -1.49 -16.12 35.85
CA ARG A 399 -1.37 -14.72 36.30
C ARG A 399 -2.68 -13.91 36.23
N ASP A 400 -2.66 -12.76 36.94
CA ASP A 400 -3.79 -11.84 36.96
C ASP A 400 -3.71 -10.97 35.70
N THR A 401 -4.86 -10.42 35.29
CA THR A 401 -4.91 -9.52 34.14
C THR A 401 -4.12 -8.25 34.48
N PRO A 402 -3.46 -7.58 33.50
CA PRO A 402 -2.77 -6.32 33.81
C PRO A 402 -3.79 -5.22 34.23
N ALA A 403 -3.31 -3.98 34.54
CA ALA A 403 -4.19 -2.85 34.89
C ALA A 403 -5.19 -2.62 33.76
N LEU A 404 -6.49 -2.50 34.10
CA LEU A 404 -7.53 -2.32 33.08
C LEU A 404 -8.54 -1.28 33.46
N PHE A 405 -8.61 -0.93 34.76
CA PHE A 405 -9.65 -0.07 35.31
C PHE A 405 -9.20 1.23 35.96
N ASN A 406 -7.87 1.47 36.03
CA ASN A 406 -7.29 2.69 36.59
C ASN A 406 -7.50 3.90 35.63
N PHE A 407 -8.76 4.22 35.30
CA PHE A 407 -9.07 5.34 34.42
C PHE A 407 -8.82 6.66 35.13
N THR A 408 -8.26 7.65 34.40
CA THR A 408 -8.06 9.01 34.91
C THR A 408 -9.23 9.91 34.48
N THR A 409 -9.29 11.13 35.03
CA THR A 409 -10.35 12.08 34.67
C THR A 409 -10.17 12.46 33.20
N GLN A 410 -8.90 12.66 32.79
CA GLN A 410 -8.47 12.95 31.43
C GLN A 410 -8.99 11.84 30.49
N GLU A 411 -8.68 10.58 30.83
CA GLU A 411 -9.06 9.38 30.08
C GLU A 411 -10.57 9.22 29.89
N LEU A 412 -11.36 9.63 30.90
CA LEU A 412 -12.82 9.55 30.89
C LEU A 412 -13.51 10.81 30.38
N SER A 413 -12.73 11.89 30.16
CA SER A 413 -13.20 13.21 29.76
C SER A 413 -14.18 13.30 28.63
N SER A 414 -14.09 12.42 27.64
CA SER A 414 -15.00 12.41 26.48
C SER A 414 -16.44 12.05 26.86
N ASN A 415 -16.61 11.23 27.91
CA ASN A 415 -17.92 10.76 28.35
C ASN A 415 -17.80 10.21 29.80
N PRO A 416 -17.70 11.10 30.83
CA PRO A 416 -17.57 10.61 32.22
C PRO A 416 -18.60 9.57 32.70
N PRO A 417 -19.91 9.61 32.29
CA PRO A 417 -20.85 8.57 32.74
C PRO A 417 -20.45 7.13 32.36
N LEU A 418 -19.61 6.94 31.33
CA LEU A 418 -19.16 5.62 30.89
C LEU A 418 -18.40 4.84 31.96
N ALA A 419 -17.86 5.56 32.96
CA ALA A 419 -17.16 4.98 34.11
C ALA A 419 -18.05 4.04 34.93
N THR A 420 -19.39 4.10 34.74
CA THR A 420 -20.35 3.22 35.41
C THR A 420 -20.23 1.83 34.88
N ILE A 421 -19.94 1.71 33.58
CA ILE A 421 -19.70 0.43 32.89
C ILE A 421 -18.21 0.03 33.04
N LEU A 422 -17.30 0.97 32.74
CA LEU A 422 -15.85 0.81 32.73
C LEU A 422 -15.18 0.38 34.01
N ILE A 423 -15.58 0.96 35.13
CA ILE A 423 -15.01 0.62 36.44
C ILE A 423 -15.98 -0.37 37.13
N PRO A 424 -15.66 -1.69 37.13
CA PRO A 424 -16.60 -2.66 37.68
C PRO A 424 -16.66 -2.59 39.22
N PRO A 425 -17.72 -3.18 39.87
CA PRO A 425 -17.84 -3.07 41.33
C PRO A 425 -16.60 -3.46 42.11
N HIS A 426 -15.95 -4.59 41.74
CA HIS A 426 -14.74 -5.04 42.42
C HIS A 426 -13.51 -4.11 42.31
N ALA A 427 -13.55 -3.14 41.37
CA ALA A 427 -12.46 -2.17 41.25
C ALA A 427 -12.82 -0.95 42.10
N ARG A 428 -14.10 -0.83 42.46
CA ARG A 428 -14.60 0.28 43.29
C ARG A 428 -14.32 0.09 44.81
N ILE A 429 -14.02 -1.16 45.26
CA ILE A 429 -13.69 -1.45 46.66
C ILE A 429 -12.28 -0.89 47.00
N GLN A 430 -12.17 -0.11 47.97
N SER B 80 -9.74 -35.66 -21.19
CA SER B 80 -10.07 -34.70 -20.14
C SER B 80 -11.45 -34.03 -20.38
N LYS B 81 -11.91 -33.19 -19.40
CA LYS B 81 -13.18 -32.44 -19.45
C LYS B 81 -13.07 -31.32 -20.50
N VAL B 82 -13.99 -31.33 -21.49
CA VAL B 82 -14.01 -30.33 -22.57
C VAL B 82 -15.18 -29.35 -22.36
N THR B 83 -14.88 -28.03 -22.32
CA THR B 83 -15.87 -26.98 -22.16
C THR B 83 -16.07 -26.29 -23.50
N THR B 84 -17.34 -26.25 -23.97
CA THR B 84 -17.72 -25.59 -25.22
C THR B 84 -18.58 -24.37 -24.91
N VAL B 85 -18.23 -23.23 -25.53
CA VAL B 85 -18.89 -21.96 -25.33
C VAL B 85 -19.16 -21.27 -26.66
N VAL B 86 -20.12 -20.34 -26.68
CA VAL B 86 -20.37 -19.55 -27.86
C VAL B 86 -19.81 -18.17 -27.54
N ALA B 87 -18.56 -17.98 -27.95
CA ALA B 87 -17.80 -16.78 -27.67
C ALA B 87 -17.75 -15.85 -28.84
N THR B 88 -17.84 -14.56 -28.53
CA THR B 88 -17.76 -13.48 -29.51
C THR B 88 -16.27 -13.17 -29.71
N PRO B 89 -15.75 -13.00 -30.95
CA PRO B 89 -14.33 -12.61 -31.12
C PRO B 89 -14.09 -11.22 -30.58
N GLY B 90 -12.90 -10.98 -30.02
CA GLY B 90 -12.52 -9.71 -29.41
C GLY B 90 -12.50 -8.53 -30.37
N GLN B 91 -11.98 -8.78 -31.58
CA GLN B 91 -11.90 -7.77 -32.61
C GLN B 91 -12.72 -8.21 -33.83
N GLY B 92 -13.07 -7.26 -34.67
CA GLY B 92 -13.85 -7.55 -35.87
C GLY B 92 -15.36 -7.55 -35.63
N PRO B 93 -16.15 -8.04 -36.62
CA PRO B 93 -17.61 -8.03 -36.44
C PRO B 93 -18.10 -8.96 -35.34
N ASP B 94 -19.22 -8.60 -34.69
CA ASP B 94 -19.84 -9.39 -33.63
C ASP B 94 -20.45 -10.68 -34.20
N ARG B 95 -19.59 -11.68 -34.46
CA ARG B 95 -19.96 -12.95 -35.05
C ARG B 95 -19.54 -14.11 -34.16
N PRO B 96 -20.36 -14.45 -33.14
CA PRO B 96 -20.00 -15.54 -32.22
C PRO B 96 -19.61 -16.85 -32.87
N GLN B 97 -18.75 -17.61 -32.20
CA GLN B 97 -18.22 -18.91 -32.65
C GLN B 97 -18.21 -19.90 -31.49
N GLU B 98 -18.31 -21.19 -31.81
CA GLU B 98 -18.20 -22.25 -30.83
C GLU B 98 -16.70 -22.43 -30.55
N VAL B 99 -16.30 -22.15 -29.30
CA VAL B 99 -14.92 -22.25 -28.83
C VAL B 99 -14.88 -23.35 -27.80
N SER B 100 -14.06 -24.35 -28.06
CA SER B 100 -13.89 -25.48 -27.15
C SER B 100 -12.50 -25.43 -26.50
N TYR B 101 -12.46 -25.62 -25.17
CA TYR B 101 -11.21 -25.61 -24.39
C TYR B 101 -11.17 -26.68 -23.30
N THR B 102 -9.96 -27.11 -22.95
CA THR B 102 -9.74 -28.13 -21.91
C THR B 102 -8.58 -27.74 -20.97
N ASP B 103 -8.23 -28.64 -20.02
CA ASP B 103 -7.13 -28.55 -19.05
C ASP B 103 -7.16 -27.23 -18.27
N THR B 104 -8.34 -26.89 -17.75
CA THR B 104 -8.59 -25.65 -17.02
C THR B 104 -8.03 -25.69 -15.61
N LYS B 105 -7.02 -24.84 -15.33
CA LYS B 105 -6.36 -24.70 -14.03
C LYS B 105 -6.42 -23.23 -13.64
N VAL B 106 -6.59 -22.91 -12.34
CA VAL B 106 -6.56 -21.54 -11.84
C VAL B 106 -5.09 -21.09 -11.80
N ILE B 107 -4.78 -19.89 -12.31
CA ILE B 107 -3.40 -19.36 -12.31
C ILE B 107 -3.28 -18.02 -11.57
N GLY B 108 -4.41 -17.48 -11.12
CA GLY B 108 -4.49 -16.21 -10.41
C GLY B 108 -5.85 -15.98 -9.79
N ASN B 109 -5.86 -15.33 -8.63
CA ASN B 109 -7.02 -15.03 -7.80
C ASN B 109 -6.73 -13.70 -7.14
N GLY B 110 -7.51 -12.68 -7.45
CA GLY B 110 -7.32 -11.33 -6.90
C GLY B 110 -8.58 -10.53 -6.81
N SER B 111 -8.43 -9.22 -6.59
CA SER B 111 -9.54 -8.27 -6.47
C SER B 111 -10.44 -8.29 -7.75
N PHE B 112 -9.78 -8.49 -8.94
CA PHE B 112 -10.40 -8.66 -10.26
C PHE B 112 -11.42 -9.80 -10.21
N GLY B 113 -10.89 -11.02 -10.04
CA GLY B 113 -11.60 -12.28 -9.92
C GLY B 113 -10.65 -13.44 -10.09
N VAL B 114 -10.94 -14.33 -11.02
CA VAL B 114 -10.10 -15.53 -11.25
C VAL B 114 -9.54 -15.52 -12.65
N VAL B 115 -8.28 -15.91 -12.78
CA VAL B 115 -7.59 -16.06 -14.05
C VAL B 115 -7.28 -17.54 -14.14
N TYR B 116 -7.68 -18.15 -15.26
CA TYR B 116 -7.49 -19.57 -15.53
C TYR B 116 -6.56 -19.69 -16.70
N GLN B 117 -5.92 -20.84 -16.81
CA GLN B 117 -5.14 -21.24 -17.95
C GLN B 117 -6.01 -22.34 -18.56
N ALA B 118 -6.04 -22.46 -19.89
CA ALA B 118 -6.82 -23.48 -20.59
C ALA B 118 -6.19 -23.72 -21.93
N LYS B 119 -6.42 -24.91 -22.49
CA LYS B 119 -5.90 -25.28 -23.79
C LYS B 119 -7.04 -25.30 -24.78
N LEU B 120 -6.86 -24.63 -25.91
CA LEU B 120 -7.85 -24.63 -26.98
C LEU B 120 -7.76 -25.98 -27.66
N CYS B 121 -8.89 -26.71 -27.76
CA CYS B 121 -8.97 -28.03 -28.42
C CYS B 121 -8.57 -27.98 -29.91
N ASP B 122 -8.91 -26.88 -30.61
CA ASP B 122 -8.61 -26.71 -32.03
C ASP B 122 -7.12 -26.60 -32.33
N SER B 123 -6.48 -25.54 -31.82
CA SER B 123 -5.06 -25.27 -32.04
C SER B 123 -4.08 -25.94 -31.07
N GLY B 124 -4.52 -26.18 -29.84
CA GLY B 124 -3.65 -26.72 -28.79
C GLY B 124 -2.98 -25.57 -28.06
N GLU B 125 -3.16 -24.36 -28.60
CA GLU B 125 -2.68 -23.05 -28.14
C GLU B 125 -3.17 -22.78 -26.73
N LEU B 126 -2.31 -22.24 -25.88
CA LEU B 126 -2.65 -21.92 -24.49
C LEU B 126 -3.24 -20.54 -24.41
N VAL B 127 -4.24 -20.41 -23.55
CA VAL B 127 -4.93 -19.14 -23.35
C VAL B 127 -5.12 -18.92 -21.87
N ALA B 128 -5.45 -17.68 -21.50
CA ALA B 128 -5.80 -17.33 -20.14
C ALA B 128 -7.25 -16.87 -20.25
N ILE B 129 -8.07 -17.17 -19.25
CA ILE B 129 -9.45 -16.76 -19.22
C ILE B 129 -9.65 -15.95 -17.94
N LYS B 130 -9.95 -14.65 -18.06
CA LYS B 130 -10.19 -13.86 -16.87
C LYS B 130 -11.70 -13.83 -16.62
N LYS B 131 -12.14 -14.34 -15.45
CA LYS B 131 -13.56 -14.43 -15.07
C LYS B 131 -13.86 -13.37 -14.02
N VAL B 132 -14.81 -12.47 -14.35
CA VAL B 132 -15.29 -11.36 -13.51
C VAL B 132 -16.80 -11.33 -13.51
N LEU B 133 -17.40 -11.02 -12.35
CA LEU B 133 -18.84 -10.90 -12.21
C LEU B 133 -19.33 -9.65 -12.94
N GLN B 134 -20.33 -9.82 -13.84
CA GLN B 134 -20.91 -8.71 -14.57
C GLN B 134 -22.23 -8.28 -13.98
N ASP B 135 -22.41 -6.96 -13.82
CA ASP B 135 -23.57 -6.30 -13.19
C ASP B 135 -24.83 -6.11 -14.06
N LYS B 136 -24.66 -6.11 -15.41
CA LYS B 136 -25.69 -5.84 -16.44
C LYS B 136 -26.21 -4.38 -16.38
N ARG B 137 -26.05 -3.75 -15.18
CA ARG B 137 -26.33 -2.37 -14.77
C ARG B 137 -25.63 -1.40 -15.74
N PHE B 138 -24.41 -1.77 -16.16
CA PHE B 138 -23.60 -1.04 -17.13
C PHE B 138 -22.78 -2.06 -17.98
N LYS B 139 -22.15 -1.57 -19.04
CA LYS B 139 -21.26 -2.35 -19.87
C LYS B 139 -19.93 -2.47 -19.09
N ASN B 140 -19.15 -3.55 -19.30
CA ASN B 140 -17.84 -3.70 -18.64
C ASN B 140 -16.80 -2.79 -19.31
N ARG B 141 -16.18 -1.89 -18.52
CA ARG B 141 -15.18 -0.93 -19.01
C ARG B 141 -13.94 -1.60 -19.61
N GLU B 142 -13.43 -2.69 -18.95
CA GLU B 142 -12.24 -3.42 -19.37
C GLU B 142 -12.43 -4.03 -20.75
N LEU B 143 -13.58 -4.70 -20.95
CA LEU B 143 -13.95 -5.30 -22.24
C LEU B 143 -14.00 -4.23 -23.32
N GLN B 144 -14.66 -3.08 -23.05
CA GLN B 144 -14.76 -1.98 -24.03
C GLN B 144 -13.38 -1.53 -24.45
N ILE B 145 -12.41 -1.42 -23.47
CA ILE B 145 -11.02 -1.07 -23.75
C ILE B 145 -10.32 -2.18 -24.52
N MET B 146 -10.39 -3.43 -24.02
CA MET B 146 -9.74 -4.61 -24.64
C MET B 146 -10.11 -4.79 -26.11
N ARG B 147 -11.41 -4.68 -26.44
CA ARG B 147 -11.97 -4.78 -27.79
C ARG B 147 -11.29 -3.82 -28.82
N LYS B 148 -10.88 -2.61 -28.42
CA LYS B 148 -10.21 -1.60 -29.27
C LYS B 148 -8.70 -1.84 -29.50
N LEU B 149 -8.05 -2.74 -28.75
CA LEU B 149 -6.58 -2.90 -28.77
C LEU B 149 -6.02 -4.04 -29.57
N ASP B 150 -4.89 -3.76 -30.26
CA ASP B 150 -4.16 -4.76 -31.01
C ASP B 150 -2.72 -4.34 -31.09
N HIS B 151 -1.91 -4.88 -30.15
CA HIS B 151 -0.48 -4.59 -30.08
C HIS B 151 0.29 -5.84 -29.63
N CYS B 152 1.49 -6.04 -30.19
CA CYS B 152 2.36 -7.20 -29.89
C CYS B 152 2.86 -7.23 -28.42
N ASN B 153 2.86 -6.06 -27.73
CA ASN B 153 3.25 -5.92 -26.34
C ASN B 153 2.08 -5.74 -25.38
N ILE B 154 0.87 -6.18 -25.81
CA ILE B 154 -0.35 -6.17 -25.02
C ILE B 154 -1.04 -7.51 -25.20
N VAL B 155 -1.47 -8.09 -24.10
CA VAL B 155 -2.20 -9.33 -24.07
C VAL B 155 -3.53 -9.17 -24.86
N ARG B 156 -3.63 -9.87 -25.97
CA ARG B 156 -4.77 -9.73 -26.87
C ARG B 156 -6.05 -10.41 -26.40
N LEU B 157 -7.19 -9.69 -26.50
CA LEU B 157 -8.50 -10.23 -26.20
C LEU B 157 -8.89 -11.05 -27.43
N ARG B 158 -8.86 -12.38 -27.29
CA ARG B 158 -9.19 -13.33 -28.36
C ARG B 158 -10.72 -13.46 -28.54
N TYR B 159 -11.42 -13.73 -27.43
CA TYR B 159 -12.84 -13.89 -27.33
C TYR B 159 -13.31 -13.40 -26.00
N PHE B 160 -14.62 -13.30 -25.84
CA PHE B 160 -15.31 -13.03 -24.60
C PHE B 160 -16.68 -13.71 -24.63
N PHE B 161 -17.16 -14.18 -23.49
CA PHE B 161 -18.43 -14.89 -23.37
C PHE B 161 -18.97 -14.71 -21.98
N TYR B 162 -20.28 -15.02 -21.78
CA TYR B 162 -20.92 -14.90 -20.47
C TYR B 162 -21.22 -16.28 -19.88
N SER B 163 -21.20 -16.40 -18.53
CA SER B 163 -21.47 -17.69 -17.85
C SER B 163 -21.95 -17.48 -16.42
N SER B 164 -22.00 -18.58 -15.63
CA SER B 164 -22.18 -18.61 -14.18
C SER B 164 -20.94 -19.39 -13.60
N GLY B 165 -20.65 -19.24 -12.31
CA GLY B 165 -19.52 -19.92 -11.68
C GLY B 165 -18.99 -19.34 -10.38
N GLU B 166 -19.70 -19.65 -9.26
CA GLU B 166 -19.54 -19.31 -7.84
C GLU B 166 -20.84 -18.73 -7.28
N LYS B 167 -21.43 -17.76 -8.01
CA LYS B 167 -22.71 -17.14 -7.64
C LYS B 167 -23.85 -17.71 -8.51
N LYS B 168 -24.92 -18.21 -7.85
CA LYS B 168 -26.13 -18.71 -8.53
C LYS B 168 -27.03 -17.51 -8.85
N ASP B 169 -27.64 -17.50 -10.06
CA ASP B 169 -28.48 -16.42 -10.58
C ASP B 169 -27.70 -15.17 -11.03
N GLU B 170 -26.33 -15.21 -10.93
CA GLU B 170 -25.45 -14.13 -11.39
C GLU B 170 -24.57 -14.49 -12.59
N VAL B 171 -24.28 -13.45 -13.40
CA VAL B 171 -23.52 -13.51 -14.65
C VAL B 171 -22.04 -13.21 -14.46
N TYR B 172 -21.23 -13.95 -15.19
CA TYR B 172 -19.80 -13.74 -15.24
C TYR B 172 -19.39 -13.42 -16.66
N LEU B 173 -18.57 -12.38 -16.81
CA LEU B 173 -17.93 -12.03 -18.07
C LEU B 173 -16.58 -12.77 -18.05
N ASN B 174 -16.26 -13.48 -19.15
CA ASN B 174 -15.02 -14.25 -19.29
C ASN B 174 -14.20 -13.70 -20.42
N LEU B 175 -13.00 -13.17 -20.14
CA LEU B 175 -12.14 -12.64 -21.20
C LEU B 175 -11.11 -13.70 -21.56
N VAL B 176 -11.16 -14.23 -22.81
CA VAL B 176 -10.21 -15.23 -23.34
C VAL B 176 -9.05 -14.42 -23.90
N LEU B 177 -7.89 -14.53 -23.26
CA LEU B 177 -6.70 -13.75 -23.58
C LEU B 177 -5.56 -14.61 -23.96
N ASP B 178 -4.54 -13.99 -24.56
CA ASP B 178 -3.25 -14.61 -24.84
C ASP B 178 -2.69 -15.08 -23.50
N TYR B 179 -2.00 -16.21 -23.49
CA TYR B 179 -1.30 -16.71 -22.31
C TYR B 179 0.20 -16.42 -22.47
N VAL B 180 0.78 -15.72 -21.48
CA VAL B 180 2.22 -15.39 -21.40
C VAL B 180 2.74 -16.07 -20.13
N PRO B 181 3.75 -16.97 -20.23
CA PRO B 181 4.13 -17.82 -19.09
C PRO B 181 4.69 -17.27 -17.78
N GLU B 182 5.38 -16.16 -17.80
CA GLU B 182 5.99 -15.59 -16.60
C GLU B 182 5.59 -14.15 -16.33
N THR B 183 5.94 -13.63 -15.14
CA THR B 183 5.70 -12.24 -14.75
C THR B 183 7.02 -11.58 -14.43
N VAL B 184 7.14 -10.26 -14.62
CA VAL B 184 8.35 -9.51 -14.30
C VAL B 184 8.62 -9.62 -12.80
N TYR B 185 7.54 -9.69 -12.02
CA TYR B 185 7.53 -9.83 -10.58
C TYR B 185 8.30 -11.11 -10.11
N ARG B 186 7.92 -12.28 -10.66
CA ARG B 186 8.54 -13.56 -10.33
C ARG B 186 10.01 -13.62 -10.77
N VAL B 187 10.31 -13.14 -11.99
CA VAL B 187 11.65 -13.10 -12.54
C VAL B 187 12.55 -12.17 -11.70
N ALA B 188 12.09 -10.93 -11.41
CA ALA B 188 12.84 -10.01 -10.56
C ALA B 188 13.14 -10.69 -9.18
N ARG B 189 12.17 -11.47 -8.65
CA ARG B 189 12.25 -12.21 -7.38
C ARG B 189 13.32 -13.30 -7.40
N HIS B 190 13.46 -14.05 -8.53
CA HIS B 190 14.46 -15.10 -8.71
C HIS B 190 15.86 -14.54 -8.54
N TYR B 191 16.14 -13.46 -9.29
CA TYR B 191 17.42 -12.79 -9.28
C TYR B 191 17.74 -12.22 -7.93
N SER B 192 16.75 -11.56 -7.30
CA SER B 192 16.87 -10.97 -5.96
C SER B 192 17.30 -12.04 -4.94
N ARG B 193 16.58 -13.19 -4.92
CA ARG B 193 16.82 -14.32 -4.04
C ARG B 193 18.22 -14.91 -4.23
N ALA B 194 18.70 -14.97 -5.49
CA ALA B 194 20.03 -15.49 -5.84
C ALA B 194 21.12 -14.44 -5.73
N LYS B 195 20.81 -13.28 -5.13
CA LYS B 195 21.69 -12.13 -4.94
C LYS B 195 22.34 -11.65 -6.26
N GLN B 196 21.62 -11.88 -7.38
CA GLN B 196 22.00 -11.49 -8.74
C GLN B 196 21.04 -10.39 -9.23
N THR B 197 21.39 -9.72 -10.32
CA THR B 197 20.52 -8.71 -10.94
C THR B 197 20.20 -9.21 -12.32
N LEU B 198 19.00 -8.88 -12.81
CA LEU B 198 18.58 -9.25 -14.14
C LEU B 198 19.55 -8.62 -15.14
N PRO B 199 20.20 -9.43 -16.03
CA PRO B 199 21.11 -8.84 -17.03
C PRO B 199 20.53 -7.62 -17.75
N VAL B 200 21.36 -6.57 -17.94
CA VAL B 200 20.96 -5.32 -18.59
C VAL B 200 20.28 -5.50 -19.97
N ILE B 201 20.62 -6.56 -20.73
CA ILE B 201 19.96 -6.82 -22.02
C ILE B 201 18.45 -7.03 -21.84
N TYR B 202 18.07 -7.74 -20.77
CA TYR B 202 16.67 -7.98 -20.43
C TYR B 202 15.99 -6.72 -19.91
N VAL B 203 16.74 -5.87 -19.20
CA VAL B 203 16.20 -4.60 -18.70
C VAL B 203 15.81 -3.72 -19.90
N LYS B 204 16.64 -3.69 -20.96
CA LYS B 204 16.40 -2.94 -22.20
C LYS B 204 15.24 -3.58 -22.97
N LEU B 205 15.25 -4.90 -23.13
CA LEU B 205 14.19 -5.58 -23.86
C LEU B 205 12.82 -5.40 -23.21
N TYR B 206 12.72 -5.63 -21.89
CA TYR B 206 11.47 -5.55 -21.16
C TYR B 206 10.97 -4.12 -21.05
N MET B 207 11.87 -3.18 -20.72
CA MET B 207 11.48 -1.78 -20.60
C MET B 207 11.07 -1.12 -21.91
N TYR B 208 11.78 -1.40 -23.02
CA TYR B 208 11.46 -0.88 -24.35
C TYR B 208 10.04 -1.33 -24.73
N GLN B 209 9.79 -2.65 -24.59
CA GLN B 209 8.50 -3.26 -24.91
C GLN B 209 7.34 -2.68 -24.08
N LEU B 210 7.61 -2.32 -22.81
CA LEU B 210 6.62 -1.69 -21.94
C LEU B 210 6.30 -0.28 -22.47
N PHE B 211 7.35 0.49 -22.81
CA PHE B 211 7.16 1.81 -23.39
C PHE B 211 6.41 1.77 -24.70
N ARG B 212 6.64 0.73 -25.57
CA ARG B 212 5.89 0.59 -26.82
C ARG B 212 4.41 0.39 -26.55
N SER B 213 4.08 -0.49 -25.57
CA SER B 213 2.69 -0.75 -25.17
C SER B 213 2.03 0.53 -24.63
N LEU B 214 2.82 1.33 -23.86
CA LEU B 214 2.34 2.59 -23.29
C LEU B 214 2.09 3.65 -24.36
N ALA B 215 3.02 3.80 -25.35
CA ALA B 215 2.87 4.70 -26.52
C ALA B 215 1.55 4.39 -27.22
N TYR B 216 1.27 3.08 -27.43
CA TYR B 216 0.07 2.57 -28.05
C TYR B 216 -1.20 2.98 -27.32
N ILE B 217 -1.40 2.50 -26.06
CA ILE B 217 -2.61 2.84 -25.29
C ILE B 217 -2.79 4.33 -25.11
N HIS B 218 -1.70 5.07 -24.85
CA HIS B 218 -1.73 6.52 -24.67
C HIS B 218 -2.19 7.27 -25.92
N SER B 219 -1.90 6.73 -27.13
CA SER B 219 -2.29 7.30 -28.42
C SER B 219 -3.83 7.31 -28.60
N PHE B 220 -4.57 6.49 -27.82
CA PHE B 220 -6.02 6.46 -27.81
C PHE B 220 -6.57 7.24 -26.62
N GLY B 221 -5.68 7.84 -25.86
CA GLY B 221 -6.03 8.57 -24.65
C GLY B 221 -6.21 7.70 -23.42
N ILE B 222 -5.94 6.38 -23.56
CA ILE B 222 -6.09 5.37 -22.51
C ILE B 222 -4.87 5.28 -21.59
N CYS B 223 -5.10 5.40 -20.28
CA CYS B 223 -4.13 5.27 -19.21
C CYS B 223 -4.33 3.94 -18.53
N HIS B 224 -3.23 3.15 -18.38
CA HIS B 224 -3.31 1.84 -17.72
C HIS B 224 -3.71 2.01 -16.24
N ARG B 225 -3.03 2.96 -15.52
CA ARG B 225 -3.29 3.33 -14.10
C ARG B 225 -2.88 2.28 -13.05
N ASP B 226 -2.31 1.13 -13.46
CA ASP B 226 -1.83 0.10 -12.54
C ASP B 226 -0.55 -0.61 -13.05
N ILE B 227 0.44 0.19 -13.51
CA ILE B 227 1.71 -0.35 -14.00
C ILE B 227 2.55 -0.79 -12.80
N LYS B 228 2.95 -2.05 -12.82
CA LYS B 228 3.69 -2.70 -11.75
C LYS B 228 4.20 -4.04 -12.25
N PRO B 229 5.26 -4.62 -11.63
CA PRO B 229 5.79 -5.90 -12.11
C PRO B 229 4.80 -7.05 -12.25
N GLN B 230 3.81 -7.13 -11.38
CA GLN B 230 2.82 -8.21 -11.42
C GLN B 230 1.91 -8.17 -12.67
N ASN B 231 1.85 -7.01 -13.36
CA ASN B 231 1.03 -6.76 -14.55
C ASN B 231 1.82 -6.78 -15.85
N LEU B 232 3.10 -7.14 -15.76
CA LEU B 232 4.03 -7.25 -16.88
C LEU B 232 4.41 -8.71 -17.06
N LEU B 233 3.85 -9.33 -18.10
CA LEU B 233 4.02 -10.73 -18.46
C LEU B 233 5.21 -10.94 -19.41
N LEU B 234 5.94 -12.07 -19.28
CA LEU B 234 7.10 -12.36 -20.14
C LEU B 234 7.13 -13.75 -20.66
N ASP B 235 7.71 -13.91 -21.84
CA ASP B 235 8.03 -15.22 -22.40
C ASP B 235 9.54 -15.28 -22.28
N PRO B 236 10.05 -16.13 -21.35
CA PRO B 236 11.51 -16.21 -21.14
C PRO B 236 12.33 -16.68 -22.36
N ASP B 237 11.73 -17.53 -23.21
CA ASP B 237 12.39 -18.05 -24.40
C ASP B 237 12.46 -17.04 -25.52
N THR B 238 11.39 -16.29 -25.74
CA THR B 238 11.31 -15.30 -26.82
C THR B 238 11.66 -13.87 -26.43
N ALA B 239 11.78 -13.58 -25.13
CA ALA B 239 12.09 -12.26 -24.55
C ALA B 239 10.96 -11.22 -24.82
N VAL B 240 9.76 -11.73 -25.14
CA VAL B 240 8.57 -10.93 -25.40
C VAL B 240 7.93 -10.55 -24.07
N LEU B 241 7.63 -9.27 -23.91
CA LEU B 241 6.89 -8.74 -22.77
C LEU B 241 5.50 -8.36 -23.31
N LYS B 242 4.46 -8.62 -22.51
CA LYS B 242 3.09 -8.25 -22.83
C LYS B 242 2.42 -7.66 -21.61
N LEU B 243 1.90 -6.43 -21.76
CA LEU B 243 1.17 -5.73 -20.72
C LEU B 243 -0.17 -6.43 -20.50
N CYS B 244 -0.60 -6.55 -19.24
CA CYS B 244 -1.90 -7.14 -18.91
C CYS B 244 -2.59 -6.31 -17.85
N ASP B 245 -3.82 -6.73 -17.47
CA ASP B 245 -4.71 -6.08 -16.51
C ASP B 245 -5.22 -4.76 -16.99
N PHE B 246 -6.38 -4.76 -17.62
CA PHE B 246 -6.99 -3.51 -18.05
C PHE B 246 -8.21 -3.15 -17.16
N GLY B 247 -8.15 -3.63 -15.91
CA GLY B 247 -9.16 -3.43 -14.88
C GLY B 247 -9.24 -2.02 -14.32
N SER B 248 -8.12 -1.31 -14.30
CA SER B 248 -8.00 0.06 -13.81
C SER B 248 -7.91 1.06 -14.97
N ALA B 249 -7.76 0.54 -16.21
CA ALA B 249 -7.60 1.37 -17.42
C ALA B 249 -8.78 2.29 -17.65
N LYS B 250 -8.49 3.55 -18.03
CA LYS B 250 -9.52 4.53 -18.32
C LYS B 250 -9.03 5.54 -19.33
N GLN B 251 -9.97 6.03 -20.19
CA GLN B 251 -9.64 7.08 -21.15
C GLN B 251 -9.68 8.40 -20.43
N LEU B 252 -8.52 9.02 -20.29
CA LEU B 252 -8.41 10.29 -19.59
C LEU B 252 -8.73 11.46 -20.53
N VAL B 253 -9.82 12.19 -20.24
CA VAL B 253 -10.27 13.35 -21.00
C VAL B 253 -9.92 14.60 -20.17
N ARG B 254 -9.19 15.57 -20.78
CA ARG B 254 -8.77 16.82 -20.11
C ARG B 254 -10.01 17.56 -19.55
N GLY B 255 -9.90 18.03 -18.30
CA GLY B 255 -10.96 18.72 -17.60
C GLY B 255 -11.89 17.80 -16.83
N GLU B 256 -11.96 16.48 -17.20
CA GLU B 256 -12.78 15.50 -16.47
C GLU B 256 -12.01 15.02 -15.22
N PRO B 257 -12.65 14.94 -14.02
CA PRO B 257 -11.90 14.45 -12.84
C PRO B 257 -11.86 12.92 -12.79
N ASN B 258 -10.74 12.36 -12.25
CA ASN B 258 -10.53 10.92 -12.14
C ASN B 258 -10.14 10.56 -10.73
N VAL B 259 -10.51 9.35 -10.27
CA VAL B 259 -10.17 8.86 -8.93
C VAL B 259 -8.65 8.84 -8.71
N SER B 260 -8.17 9.35 -7.56
CA SER B 260 -6.73 9.34 -7.30
C SER B 260 -6.28 8.03 -6.65
N TYR B 261 -7.22 7.21 -6.16
CA TYR B 261 -6.92 5.95 -5.45
C TYR B 261 -6.62 4.76 -6.33
N ILE B 262 -6.19 5.01 -7.55
CA ILE B 262 -5.76 3.94 -8.44
C ILE B 262 -4.24 3.81 -8.22
N CYS B 263 -3.63 2.73 -8.75
CA CYS B 263 -2.19 2.52 -8.69
C CYS B 263 -1.72 1.92 -7.40
N SER B 264 -0.78 0.95 -7.53
CA SER B 264 -0.30 0.14 -6.43
C SER B 264 0.89 0.65 -5.72
N ARG B 265 0.96 0.44 -4.38
CA ARG B 265 2.07 0.89 -3.54
C ARG B 265 3.41 0.54 -4.13
N TYR B 266 4.31 1.54 -4.13
CA TYR B 266 5.68 1.60 -4.66
C TYR B 266 5.69 2.27 -6.03
N TYR B 267 4.58 2.09 -6.81
CA TYR B 267 4.48 2.53 -8.21
C TYR B 267 3.67 3.78 -8.47
N ARG B 268 3.14 4.40 -7.42
CA ARG B 268 2.28 5.56 -7.51
C ARG B 268 3.06 6.84 -7.66
N ALA B 269 2.68 7.66 -8.64
CA ALA B 269 3.28 8.96 -8.93
C ALA B 269 3.01 9.94 -7.78
N PRO B 270 3.89 10.92 -7.48
CA PRO B 270 3.59 11.87 -6.39
C PRO B 270 2.24 12.60 -6.45
N GLU B 271 1.74 12.98 -7.64
CA GLU B 271 0.42 13.60 -7.82
C GLU B 271 -0.65 12.71 -7.24
N LEU B 272 -0.53 11.36 -7.43
CA LEU B 272 -1.53 10.40 -6.90
C LEU B 272 -1.47 10.35 -5.37
N ILE B 273 -0.24 10.24 -4.80
CA ILE B 273 0.00 10.22 -3.36
C ILE B 273 -0.64 11.48 -2.75
N PHE B 274 -0.55 12.62 -3.46
CA PHE B 274 -1.13 13.89 -3.02
C PHE B 274 -2.62 14.01 -3.28
N GLY B 275 -3.25 12.96 -3.81
CA GLY B 275 -4.70 12.93 -4.04
C GLY B 275 -5.25 13.76 -5.18
N ALA B 276 -4.40 14.05 -6.22
CA ALA B 276 -4.77 14.79 -7.43
C ALA B 276 -5.80 14.01 -8.22
N THR B 277 -6.83 14.69 -8.72
CA THR B 277 -7.89 14.08 -9.52
C THR B 277 -7.75 14.54 -10.98
N ASP B 278 -6.79 15.48 -11.24
CA ASP B 278 -6.49 16.10 -12.53
C ASP B 278 -5.24 15.50 -13.24
N TYR B 279 -4.78 14.31 -12.81
CA TYR B 279 -3.61 13.65 -13.37
C TYR B 279 -3.78 13.23 -14.86
N THR B 280 -2.65 13.11 -15.57
CA THR B 280 -2.60 12.74 -16.98
C THR B 280 -2.04 11.33 -17.10
N SER B 281 -1.89 10.86 -18.35
CA SER B 281 -1.28 9.56 -18.69
C SER B 281 0.18 9.44 -18.25
N SER B 282 0.81 10.56 -17.82
CA SER B 282 2.19 10.56 -17.33
C SER B 282 2.36 9.84 -15.97
N ILE B 283 1.25 9.32 -15.38
CA ILE B 283 1.29 8.53 -14.16
C ILE B 283 1.88 7.15 -14.50
N ASP B 284 1.58 6.62 -15.71
CA ASP B 284 2.09 5.32 -16.23
C ASP B 284 3.58 5.40 -16.47
N VAL B 285 4.08 6.58 -16.87
CA VAL B 285 5.50 6.82 -17.11
C VAL B 285 6.26 6.76 -15.78
N TRP B 286 5.71 7.39 -14.71
CA TRP B 286 6.30 7.36 -13.38
C TRP B 286 6.41 5.88 -12.95
N SER B 287 5.30 5.12 -13.05
CA SER B 287 5.23 3.72 -12.72
C SER B 287 6.28 2.89 -13.48
N ALA B 288 6.36 3.06 -14.81
CA ALA B 288 7.37 2.41 -15.66
C ALA B 288 8.79 2.77 -15.16
N GLY B 289 9.03 4.04 -14.82
CA GLY B 289 10.30 4.49 -14.26
C GLY B 289 10.67 3.78 -12.95
N CYS B 290 9.66 3.51 -12.08
CA CYS B 290 9.81 2.79 -10.80
C CYS B 290 10.18 1.32 -11.07
N VAL B 291 9.61 0.76 -12.17
CA VAL B 291 9.86 -0.63 -12.59
C VAL B 291 11.30 -0.78 -13.11
N LEU B 292 11.78 0.22 -13.89
CA LEU B 292 13.14 0.27 -14.42
C LEU B 292 14.15 0.31 -13.29
N ALA B 293 13.98 1.26 -12.33
CA ALA B 293 14.85 1.43 -11.17
C ALA B 293 14.88 0.16 -10.30
N GLU B 294 13.74 -0.52 -10.15
CA GLU B 294 13.65 -1.79 -9.39
C GLU B 294 14.43 -2.93 -10.04
N LEU B 295 14.38 -3.03 -11.38
CA LEU B 295 15.13 -4.08 -12.10
C LEU B 295 16.66 -3.79 -12.03
N LEU B 296 17.03 -2.52 -11.95
CA LEU B 296 18.43 -2.10 -11.84
C LEU B 296 18.94 -2.31 -10.40
N LEU B 297 18.12 -1.96 -9.37
CA LEU B 297 18.49 -2.07 -7.96
C LEU B 297 18.41 -3.44 -7.39
N GLY B 298 17.38 -4.19 -7.74
CA GLY B 298 17.11 -5.51 -7.19
C GLY B 298 16.09 -5.44 -6.07
N GLN B 299 15.49 -4.23 -5.89
CA GLN B 299 14.46 -3.93 -4.88
C GLN B 299 13.68 -2.67 -5.29
N PRO B 300 12.47 -2.39 -4.75
CA PRO B 300 11.76 -1.15 -5.14
C PRO B 300 12.56 0.09 -4.79
N ILE B 301 12.51 1.11 -5.66
CA ILE B 301 13.20 2.37 -5.42
C ILE B 301 12.53 3.22 -4.33
N PHE B 302 11.17 3.23 -4.28
CA PHE B 302 10.41 4.04 -3.34
C PHE B 302 9.47 3.18 -2.49
N PRO B 303 10.01 2.37 -1.54
CA PRO B 303 9.13 1.54 -0.71
C PRO B 303 8.46 2.33 0.41
N GLY B 304 7.56 1.68 1.14
CA GLY B 304 6.79 2.24 2.23
C GLY B 304 5.35 1.80 2.16
N ASP B 305 4.75 1.48 3.33
CA ASP B 305 3.36 1.02 3.37
C ASP B 305 2.36 2.14 3.49
N SER B 306 2.86 3.39 3.56
CA SER B 306 2.06 4.60 3.61
C SER B 306 2.57 5.62 2.59
N GLY B 307 1.72 6.55 2.19
CA GLY B 307 2.07 7.61 1.27
C GLY B 307 3.19 8.47 1.81
N VAL B 308 3.18 8.69 3.11
CA VAL B 308 4.19 9.49 3.78
C VAL B 308 5.58 8.88 3.69
N ASP B 309 5.68 7.56 3.89
CA ASP B 309 6.93 6.79 3.82
C ASP B 309 7.47 6.77 2.40
N GLN B 310 6.57 6.58 1.42
CA GLN B 310 6.86 6.56 -0.02
C GLN B 310 7.42 7.91 -0.45
N LEU B 311 6.76 9.01 -0.06
CA LEU B 311 7.16 10.39 -0.33
C LEU B 311 8.54 10.72 0.26
N VAL B 312 8.83 10.21 1.47
CA VAL B 312 10.14 10.40 2.12
C VAL B 312 11.21 9.76 1.26
N GLU B 313 10.95 8.56 0.76
CA GLU B 313 11.91 7.84 -0.10
C GLU B 313 12.13 8.57 -1.44
N ILE B 314 11.05 9.17 -2.02
CA ILE B 314 11.10 9.96 -3.27
C ILE B 314 11.96 11.20 -3.05
N ILE B 315 11.70 11.95 -1.96
CA ILE B 315 12.43 13.16 -1.56
C ILE B 315 13.92 12.86 -1.31
N LYS B 316 14.25 11.70 -0.71
CA LYS B 316 15.63 11.26 -0.47
C LYS B 316 16.45 11.12 -1.74
N VAL B 317 15.80 10.87 -2.90
CA VAL B 317 16.45 10.72 -4.20
C VAL B 317 16.30 12.02 -5.02
N LEU B 318 15.07 12.47 -5.23
CA LEU B 318 14.77 13.64 -6.05
C LEU B 318 15.05 15.01 -5.37
N GLY B 319 15.22 15.00 -4.05
CA GLY B 319 15.39 16.22 -3.28
C GLY B 319 14.01 16.76 -2.99
N THR B 320 13.91 17.80 -2.15
CA THR B 320 12.61 18.40 -1.79
C THR B 320 11.92 19.07 -2.99
N PRO B 321 10.62 18.79 -3.26
CA PRO B 321 9.95 19.46 -4.40
C PRO B 321 9.77 20.95 -4.15
N THR B 322 9.93 21.77 -5.21
CA THR B 322 9.75 23.22 -5.11
C THR B 322 8.26 23.55 -4.98
N ARG B 323 7.93 24.79 -4.56
CA ARG B 323 6.56 25.31 -4.39
C ARG B 323 5.83 25.22 -5.74
N GLU B 324 6.62 25.40 -6.84
CA GLU B 324 6.19 25.29 -8.21
C GLU B 324 5.88 23.81 -8.53
N GLN B 325 6.83 22.88 -8.24
CA GLN B 325 6.67 21.44 -8.44
C GLN B 325 5.47 20.87 -7.66
N ILE B 326 5.22 21.40 -6.43
CA ILE B 326 4.07 21.00 -5.57
C ILE B 326 2.77 21.41 -6.25
N ARG B 327 2.72 22.63 -6.82
CA ARG B 327 1.57 23.17 -7.56
C ARG B 327 1.24 22.25 -8.76
N GLU B 328 2.28 21.83 -9.53
CA GLU B 328 2.19 20.95 -10.71
C GLU B 328 1.58 19.57 -10.42
N MET B 329 1.73 19.07 -9.16
CA MET B 329 1.18 17.81 -8.64
C MET B 329 -0.20 18.06 -8.01
N ASN B 330 -0.24 18.71 -6.83
CA ASN B 330 -1.49 19.08 -6.18
C ASN B 330 -1.32 20.40 -5.40
N PRO B 331 -2.01 21.49 -5.82
CA PRO B 331 -1.84 22.79 -5.14
C PRO B 331 -2.46 22.95 -3.75
N ASN B 332 -3.13 21.91 -3.23
CA ASN B 332 -3.75 21.91 -1.89
C ASN B 332 -2.71 21.50 -0.80
N TYR B 333 -1.49 21.09 -1.23
CA TYR B 333 -0.40 20.63 -0.38
C TYR B 333 0.85 21.56 -0.40
N THR B 334 0.67 22.82 -0.83
CA THR B 334 1.71 23.87 -0.94
C THR B 334 2.10 24.48 0.43
N GLU B 335 1.11 24.66 1.32
CA GLU B 335 1.27 25.22 2.67
C GLU B 335 1.77 24.17 3.72
N PHE B 336 1.93 22.88 3.31
CA PHE B 336 2.42 21.81 4.17
C PHE B 336 3.95 21.67 4.05
N LYS B 337 4.64 21.82 5.18
CA LYS B 337 6.10 21.77 5.32
C LYS B 337 6.75 20.42 4.98
N PHE B 338 7.78 20.42 4.10
CA PHE B 338 8.50 19.19 3.77
C PHE B 338 9.95 19.16 4.32
N PRO B 339 10.51 17.95 4.62
CA PRO B 339 11.91 17.89 5.11
C PRO B 339 12.93 18.29 4.03
N GLN B 340 13.61 19.43 4.25
CA GLN B 340 14.60 19.99 3.32
C GLN B 340 15.84 19.11 3.08
N ILE B 341 15.69 18.12 2.17
CA ILE B 341 16.72 17.15 1.76
C ILE B 341 17.38 17.64 0.46
N LYS B 342 18.73 17.57 0.40
CA LYS B 342 19.54 17.92 -0.77
C LYS B 342 19.17 17.05 -1.99
N ALA B 343 19.32 17.59 -3.21
CA ALA B 343 19.05 16.84 -4.44
C ALA B 343 20.19 15.80 -4.66
N HIS B 344 19.95 14.54 -4.20
CA HIS B 344 20.86 13.39 -4.25
C HIS B 344 21.35 13.06 -5.69
N PRO B 345 22.68 12.78 -5.91
CA PRO B 345 23.15 12.46 -7.26
C PRO B 345 22.75 11.04 -7.66
N TRP B 346 21.92 10.95 -8.71
CA TRP B 346 21.36 9.71 -9.23
C TRP B 346 22.39 8.58 -9.45
N THR B 347 23.67 8.92 -9.67
CA THR B 347 24.77 7.95 -9.88
C THR B 347 25.07 7.12 -8.60
N LYS B 348 24.86 7.72 -7.39
CA LYS B 348 25.05 7.07 -6.08
C LYS B 348 23.88 6.16 -5.67
N VAL B 349 22.69 6.34 -6.33
CA VAL B 349 21.48 5.56 -6.10
C VAL B 349 21.71 4.10 -6.50
N PHE B 350 22.31 3.88 -7.68
CA PHE B 350 22.56 2.57 -8.29
C PHE B 350 23.99 2.05 -8.06
N ARG B 351 24.19 0.71 -8.24
CA ARG B 351 25.49 0.05 -8.11
C ARG B 351 26.53 0.69 -9.10
N PRO B 352 27.86 0.62 -8.80
CA PRO B 352 28.85 1.27 -9.69
C PRO B 352 28.83 0.85 -11.16
N ARG B 353 28.54 -0.43 -11.43
CA ARG B 353 28.53 -0.95 -12.80
C ARG B 353 27.36 -0.48 -13.70
N THR B 354 26.29 0.10 -13.08
CA THR B 354 25.08 0.59 -13.76
C THR B 354 25.38 1.53 -14.93
N PRO B 355 24.90 1.19 -16.16
CA PRO B 355 25.14 2.04 -17.33
C PRO B 355 24.61 3.46 -17.13
N PRO B 356 25.41 4.47 -17.51
CA PRO B 356 24.97 5.88 -17.38
C PRO B 356 23.65 6.25 -18.06
N GLU B 357 23.36 5.64 -19.22
CA GLU B 357 22.13 5.89 -19.99
C GLU B 357 20.90 5.38 -19.23
N ALA B 358 21.05 4.26 -18.45
CA ALA B 358 19.98 3.70 -17.61
C ALA B 358 19.65 4.70 -16.51
N ILE B 359 20.68 5.29 -15.87
CA ILE B 359 20.56 6.30 -14.82
C ILE B 359 19.88 7.56 -15.37
N ALA B 360 20.30 8.00 -16.55
CA ALA B 360 19.78 9.17 -17.25
C ALA B 360 18.30 8.97 -17.60
N LEU B 361 17.92 7.73 -18.06
CA LEU B 361 16.54 7.34 -18.35
C LEU B 361 15.70 7.49 -17.06
N CYS B 362 16.12 6.87 -15.90
CA CYS B 362 15.39 7.00 -14.62
C CYS B 362 15.08 8.45 -14.24
N SER B 363 16.14 9.27 -14.30
CA SER B 363 16.19 10.69 -14.03
C SER B 363 15.09 11.45 -14.77
N ARG B 364 14.88 11.09 -16.04
CA ARG B 364 13.95 11.67 -17.00
C ARG B 364 12.51 11.15 -16.90
N LEU B 365 12.34 9.94 -16.35
CA LEU B 365 11.02 9.35 -16.14
C LEU B 365 10.51 9.73 -14.74
N LEU B 366 11.38 9.64 -13.72
CA LEU B 366 11.03 9.94 -12.34
C LEU B 366 11.28 11.45 -12.03
N GLU B 367 10.36 12.28 -12.54
CA GLU B 367 10.33 13.74 -12.41
C GLU B 367 9.09 14.16 -11.64
N TYR B 368 9.23 15.16 -10.72
CA TYR B 368 8.07 15.68 -9.96
C TYR B 368 7.00 16.22 -10.88
N THR B 369 7.40 17.15 -11.78
CA THR B 369 6.51 17.83 -12.74
C THR B 369 6.02 16.81 -13.78
N PRO B 370 4.73 16.43 -13.75
CA PRO B 370 4.23 15.44 -14.72
C PRO B 370 4.58 15.73 -16.19
N THR B 371 4.56 17.01 -16.60
CA THR B 371 4.91 17.44 -17.97
C THR B 371 6.39 17.32 -18.29
N ALA B 372 7.27 17.30 -17.27
CA ALA B 372 8.72 17.18 -17.44
C ALA B 372 9.14 15.73 -17.76
N ARG B 373 8.25 14.74 -17.55
CA ARG B 373 8.57 13.34 -17.80
C ARG B 373 8.62 13.06 -19.29
N LEU B 374 9.49 12.12 -19.71
CA LEU B 374 9.54 11.64 -21.08
C LEU B 374 8.20 11.01 -21.40
N THR B 375 7.88 10.94 -22.68
CA THR B 375 6.66 10.28 -23.09
C THR B 375 7.08 8.82 -23.35
N PRO B 376 6.17 7.83 -23.42
CA PRO B 376 6.60 6.47 -23.76
C PRO B 376 7.38 6.38 -25.10
N LEU B 377 6.94 7.10 -26.14
CA LEU B 377 7.61 7.09 -27.45
C LEU B 377 8.97 7.70 -27.42
N GLU B 378 9.16 8.76 -26.62
CA GLU B 378 10.47 9.40 -26.42
C GLU B 378 11.38 8.46 -25.64
N ALA B 379 10.81 7.71 -24.67
CA ALA B 379 11.55 6.76 -23.84
C ALA B 379 12.09 5.64 -24.73
N CYS B 380 11.25 5.10 -25.65
CA CYS B 380 11.64 4.08 -26.65
C CYS B 380 12.85 4.52 -27.43
N ALA B 381 12.93 5.83 -27.78
CA ALA B 381 14.01 6.45 -28.58
C ALA B 381 15.26 6.86 -27.78
N HIS B 382 15.25 6.65 -26.44
CA HIS B 382 16.36 7.01 -25.53
C HIS B 382 17.59 6.17 -25.82
N SER B 383 18.77 6.75 -25.57
CA SER B 383 20.11 6.13 -25.73
C SER B 383 20.22 4.73 -25.10
N PHE B 384 19.54 4.53 -23.95
CA PHE B 384 19.57 3.26 -23.23
C PHE B 384 19.19 2.11 -24.13
N PHE B 385 18.23 2.31 -25.01
CA PHE B 385 17.75 1.26 -25.90
C PHE B 385 18.50 1.07 -27.21
N ASP B 386 19.62 1.82 -27.43
CA ASP B 386 20.43 1.76 -28.67
C ASP B 386 20.91 0.38 -29.04
N GLU B 387 21.34 -0.43 -28.05
CA GLU B 387 21.78 -1.81 -28.26
C GLU B 387 20.68 -2.64 -28.92
N LEU B 388 19.40 -2.31 -28.67
CA LEU B 388 18.27 -3.03 -29.28
C LEU B 388 18.17 -2.71 -30.76
N ARG B 389 18.62 -1.53 -31.15
CA ARG B 389 18.62 -1.08 -32.54
C ARG B 389 19.88 -1.51 -33.31
N ASP B 390 20.86 -2.17 -32.62
CA ASP B 390 22.08 -2.67 -33.23
C ASP B 390 21.70 -3.87 -34.08
N PRO B 391 22.18 -3.97 -35.34
CA PRO B 391 21.78 -5.10 -36.20
C PRO B 391 22.32 -6.46 -35.77
N ASN B 392 23.40 -6.45 -34.95
CA ASN B 392 24.06 -7.66 -34.42
C ASN B 392 23.50 -8.16 -33.07
N VAL B 393 22.55 -7.42 -32.45
CA VAL B 393 21.94 -7.81 -31.17
C VAL B 393 21.29 -9.20 -31.24
N LYS B 394 21.57 -10.01 -30.21
CA LYS B 394 21.05 -11.37 -30.07
C LYS B 394 20.68 -11.64 -28.62
N LEU B 395 19.75 -12.58 -28.41
CA LEU B 395 19.29 -13.03 -27.10
C LEU B 395 20.38 -13.97 -26.52
N PRO B 396 20.55 -14.04 -25.19
CA PRO B 396 21.59 -14.94 -24.62
C PRO B 396 21.49 -16.40 -25.02
N ASN B 397 20.29 -16.88 -25.39
CA ASN B 397 20.02 -18.25 -25.83
C ASN B 397 20.30 -18.47 -27.31
N GLY B 398 20.92 -17.48 -27.96
CA GLY B 398 21.26 -17.52 -29.37
C GLY B 398 20.21 -16.94 -30.29
N ARG B 399 18.89 -17.07 -29.93
CA ARG B 399 17.77 -16.56 -30.74
C ARG B 399 17.83 -15.06 -31.09
N ASP B 400 17.03 -14.66 -32.07
CA ASP B 400 16.91 -13.27 -32.51
C ASP B 400 15.97 -12.53 -31.56
N THR B 401 16.12 -11.21 -31.48
CA THR B 401 15.25 -10.38 -30.66
C THR B 401 13.81 -10.46 -31.18
N PRO B 402 12.78 -10.36 -30.32
CA PRO B 402 11.40 -10.35 -30.85
C PRO B 402 11.12 -9.07 -31.68
N ALA B 403 9.89 -8.89 -32.20
CA ALA B 403 9.47 -7.68 -32.96
C ALA B 403 9.71 -6.44 -32.09
N LEU B 404 10.40 -5.43 -32.64
CA LEU B 404 10.71 -4.22 -31.89
C LEU B 404 10.51 -2.96 -32.70
N PHE B 405 10.40 -3.12 -34.04
CA PHE B 405 10.39 -2.00 -34.98
C PHE B 405 9.16 -1.84 -35.85
N ASN B 406 8.20 -2.76 -35.73
CA ASN B 406 6.93 -2.74 -36.49
C ASN B 406 5.96 -1.66 -35.95
N PHE B 407 6.40 -0.39 -35.93
CA PHE B 407 5.58 0.72 -35.47
C PHE B 407 4.46 1.02 -36.45
N THR B 408 3.25 1.36 -35.94
CA THR B 408 2.11 1.79 -36.76
C THR B 408 2.02 3.33 -36.78
N THR B 409 1.16 3.89 -37.65
CA THR B 409 0.97 5.35 -37.74
C THR B 409 0.39 5.83 -36.40
N GLN B 410 -0.57 5.03 -35.85
CA GLN B 410 -1.23 5.24 -34.58
C GLN B 410 -0.17 5.32 -33.47
N GLU B 411 0.72 4.30 -33.41
CA GLU B 411 1.79 4.17 -32.43
C GLU B 411 2.77 5.33 -32.45
N LEU B 412 3.05 5.89 -33.64
CA LEU B 412 3.98 7.01 -33.85
C LEU B 412 3.32 8.38 -33.81
N SER B 413 1.97 8.41 -33.77
CA SER B 413 1.15 9.62 -33.80
C SER B 413 1.55 10.76 -32.90
N SER B 414 2.08 10.48 -31.70
CA SER B 414 2.48 11.52 -30.74
C SER B 414 3.68 12.35 -31.20
N ASN B 415 4.55 11.75 -32.03
CA ASN B 415 5.75 12.41 -32.53
C ASN B 415 6.28 11.62 -33.74
N PRO B 416 5.64 11.73 -34.95
CA PRO B 416 6.12 10.99 -36.13
C PRO B 416 7.62 11.10 -36.47
N PRO B 417 8.31 12.28 -36.27
CA PRO B 417 9.77 12.31 -36.59
C PRO B 417 10.63 11.32 -35.82
N LEU B 418 10.14 10.82 -34.66
CA LEU B 418 10.85 9.85 -33.82
C LEU B 418 11.12 8.53 -34.55
N ALA B 419 10.36 8.23 -35.61
CA ALA B 419 10.54 7.03 -36.44
C ALA B 419 11.91 6.98 -37.12
N THR B 420 12.62 8.12 -37.19
CA THR B 420 13.97 8.17 -37.77
C THR B 420 14.96 7.49 -36.84
N ILE B 421 14.72 7.58 -35.52
CA ILE B 421 15.51 6.93 -34.48
C ILE B 421 14.98 5.51 -34.26
N LEU B 422 13.66 5.38 -34.08
CA LEU B 422 12.94 4.14 -33.77
C LEU B 422 13.05 3.01 -34.76
N ILE B 423 12.96 3.30 -36.05
CA ILE B 423 13.07 2.29 -37.09
C ILE B 423 14.51 2.31 -37.65
N PRO B 424 15.40 1.38 -37.23
CA PRO B 424 16.79 1.44 -37.69
C PRO B 424 16.89 1.00 -39.17
N PRO B 425 18.00 1.35 -39.90
CA PRO B 425 18.07 1.02 -41.33
C PRO B 425 17.80 -0.45 -41.67
N HIS B 426 18.36 -1.38 -40.88
CA HIS B 426 18.19 -2.82 -41.12
C HIS B 426 16.76 -3.36 -40.91
N ALA B 427 15.91 -2.66 -40.13
CA ALA B 427 14.53 -3.08 -39.80
C ALA B 427 13.72 -3.59 -40.98
N ARG B 428 13.38 -4.88 -40.88
CA ARG B 428 12.65 -5.73 -41.83
C ARG B 428 11.47 -5.06 -42.52
N ILE B 429 11.52 -5.10 -43.87
CA ILE B 429 10.56 -4.56 -44.83
C ILE B 429 10.68 -5.35 -46.19
N GLN B 430 10.18 -4.88 -47.25
C1 6LQ C . 15.51 -10.50 19.51
N2 6LQ C . 14.34 -10.04 18.76
C3 6LQ C . 13.20 -9.77 19.67
C4 6LQ C . 11.92 -9.59 18.84
N5 6LQ C . 12.12 -8.77 17.62
C6 6LQ C . 13.44 -8.57 16.98
C7 6LQ C . 14.63 -8.86 17.92
S8 6LQ C . 10.78 -8.03 16.95
O9 6LQ C . 11.05 -7.77 15.59
O10 6LQ C . 9.62 -8.71 17.39
C11 6LQ C . 10.67 -6.48 17.77
C12 6LQ C . 10.01 -6.40 19.00
C13 6LQ C . 9.93 -5.18 19.64
C14 6LQ C . 10.55 -4.05 19.08
C15 6LQ C . 11.21 -4.15 17.86
C16 6LQ C . 11.27 -5.35 17.21
C17 6LQ C . 10.40 -2.74 19.77
C18 6LQ C . 10.17 -1.55 19.04
C19 6LQ C . 9.98 -0.36 19.77
C20 6LQ C . 10.01 -0.42 21.20
N21 6LQ C . 10.27 -1.56 21.82
C22 6LQ C . 10.44 -2.69 21.17
N23 6LQ C . 9.79 0.66 22.00
C24 6LQ C . 9.62 0.87 19.02
O25 6LQ C . 9.46 1.93 19.61
N26 6LQ C . 9.39 0.74 17.69
C27 6LQ C . 9.04 1.73 16.76
C28 6LQ C . 9.55 3.03 16.82
N29 6LQ C . 9.21 3.94 15.92
C30 6LQ C . 8.44 3.64 14.87
C31 6LQ C . 7.89 2.37 14.73
C32 6LQ C . 8.20 1.39 15.69
C33 6LQ C . 7.61 0.01 15.49
N34 6LQ C . 8.58 -1.08 15.75
C35 6LQ C . 9.89 -0.98 15.02
C36 6LQ C . 10.21 -2.45 14.67
C37 6LQ C . 8.77 -2.99 14.34
C38 6LQ C . 7.95 -2.39 15.49
C1 6LQ D . 2.10 -23.06 -14.03
N2 6LQ D . 2.35 -21.70 -13.54
C3 6LQ D . 2.98 -20.87 -14.58
C4 6LQ D . 3.61 -19.65 -13.88
N5 6LQ D . 2.66 -18.99 -12.96
C6 6LQ D . 1.58 -19.72 -12.25
C7 6LQ D . 1.16 -21.02 -12.99
S8 6LQ D . 2.83 -17.35 -12.73
O9 6LQ D . 2.37 -17.05 -11.43
O10 6LQ D . 4.10 -16.91 -13.18
C11 6LQ D . 1.68 -16.63 -13.89
C12 6LQ D . 2.11 -16.39 -15.18
C13 6LQ D . 1.26 -15.85 -16.12
C14 6LQ D . -0.06 -15.57 -15.80
C15 6LQ D . -0.51 -15.80 -14.50
C16 6LQ D . 0.34 -16.36 -13.55
C17 6LQ D . -0.93 -14.95 -16.84
C18 6LQ D . -1.76 -13.88 -16.48
C19 6LQ D . -2.58 -13.29 -17.47
C20 6LQ D . -2.46 -13.75 -18.82
N21 6LQ D . -1.60 -14.74 -19.10
C22 6LQ D . -0.88 -15.37 -18.17
N23 6LQ D . -3.18 -13.17 -19.85
C24 6LQ D . -3.47 -12.18 -17.06
O25 6LQ D . -4.20 -11.65 -17.90
N26 6LQ D . -3.46 -11.81 -15.74
C27 6LQ D . -4.14 -10.77 -15.08
C28 6LQ D . -5.45 -10.43 -15.41
N29 6LQ D . -6.07 -9.42 -14.78
C30 6LQ D . -5.52 -8.75 -13.77
C31 6LQ D . -4.23 -9.03 -13.40
C32 6LQ D . -3.51 -10.04 -14.04
C33 6LQ D . -2.11 -10.33 -13.52
N34 6LQ D . -1.88 -11.78 -13.29
C35 6LQ D . -2.83 -12.44 -12.35
C36 6LQ D . -2.11 -13.76 -12.00
C37 6LQ D . -0.64 -13.24 -11.84
C38 6LQ D . -0.51 -12.07 -12.85
#